data_2CXI
#
_entry.id   2CXI
#
_cell.length_a   142.779
_cell.length_b   81.973
_cell.length_c   139.096
_cell.angle_alpha   90.00
_cell.angle_beta   116.79
_cell.angle_gamma   90.00
#
_symmetry.space_group_name_H-M   'C 1 2 1'
#
loop_
_entity.id
_entity.type
_entity.pdbx_description
1 polymer 'Phenylalanyl-tRNA synthetase beta chain'
2 water water
#
_entity_poly.entity_id   1
_entity_poly.type   'polypeptide(L)'
_entity_poly.pdbx_seq_one_letter_code
;(MSE)PKFDVSKSDLERLIGRSFSIEEWEDLVLYAKCELDDVWEENGKVYFKLDSKDTNRPDLWSAEGVARQIKWALGIE
KGLPKYEVKKSNVTVYVDEKLKDIRPYGVYAIVEGLRLDEDSLSQ(MSE)IQLQEKIALTFGRRRREVAIGIFDFDKIKP
PIYYKAAEKTEKFAPLGYKEE(MSE)TLEEILEKHEKGREYGHLIKDKQFYPLLIDSEGNVLS(MSE)PPIINSEFTGRV
TTDTKNVFIDVTGWKLEKV(MSE)LALNV(MSE)VTALAERGGKIRSVRVVYKDFEIETPDLTPKEFEVELDYIRKLSGL
ELNDGEIKELLEK(MSE)(MSE)YEVEISRGRAKLKYPAFRDDI(MSE)HARDILEDVLIAYGY
;
_entity_poly.pdbx_strand_id   A,B,C
#
# COMPACT_ATOMS: atom_id res chain seq x y z
N PRO A 2 17.51 -40.92 13.96
CA PRO A 2 16.41 -41.46 13.13
C PRO A 2 16.89 -41.97 11.79
N LYS A 3 16.07 -42.81 11.14
CA LYS A 3 16.39 -43.39 9.84
C LYS A 3 15.73 -42.61 8.70
N PHE A 4 16.38 -42.58 7.54
CA PHE A 4 15.80 -41.88 6.39
C PHE A 4 16.43 -42.41 5.12
N ASP A 5 15.66 -42.34 4.05
CA ASP A 5 16.10 -42.81 2.76
C ASP A 5 16.70 -41.69 1.92
N VAL A 6 17.69 -42.06 1.12
CA VAL A 6 18.35 -41.14 0.23
C VAL A 6 18.74 -41.84 -1.08
N SER A 7 18.88 -41.02 -2.13
CA SER A 7 19.35 -41.53 -3.38
C SER A 7 20.85 -41.37 -3.52
N LYS A 8 21.53 -42.47 -3.92
CA LYS A 8 22.99 -42.43 -4.10
C LYS A 8 23.40 -41.32 -5.08
N SER A 9 22.67 -41.20 -6.19
CA SER A 9 23.05 -40.18 -7.19
C SER A 9 22.74 -38.75 -6.67
N ASP A 10 21.73 -38.62 -5.81
CA ASP A 10 21.44 -37.29 -5.19
C ASP A 10 22.62 -36.90 -4.30
N LEU A 11 23.10 -37.81 -3.44
CA LEU A 11 24.27 -37.53 -2.59
C LEU A 11 25.49 -37.14 -3.41
N GLU A 12 25.76 -37.91 -4.47
CA GLU A 12 26.93 -37.68 -5.31
C GLU A 12 26.88 -36.34 -6.10
N ARG A 13 25.72 -35.95 -6.61
CA ARG A 13 25.60 -34.61 -7.23
C ARG A 13 25.85 -33.52 -6.20
N LEU A 14 25.40 -33.72 -4.96
CA LEU A 14 25.61 -32.75 -3.89
C LEU A 14 27.09 -32.66 -3.44
N ILE A 15 27.74 -33.82 -3.27
CA ILE A 15 29.15 -33.84 -2.90
C ILE A 15 29.99 -33.45 -4.10
N GLY A 16 29.53 -33.85 -5.29
CA GLY A 16 30.16 -33.44 -6.57
C GLY A 16 31.04 -34.54 -7.17
N ARG A 17 31.07 -35.71 -6.53
CA ARG A 17 32.03 -36.81 -6.90
C ARG A 17 31.26 -38.08 -6.71
N SER A 18 31.64 -39.18 -7.39
CA SER A 18 31.01 -40.46 -7.08
C SER A 18 31.98 -41.39 -6.34
N PHE A 19 31.41 -42.41 -5.72
CA PHE A 19 32.18 -43.34 -4.88
C PHE A 19 31.62 -44.74 -5.05
N SER A 20 32.48 -45.75 -4.92
CA SER A 20 31.91 -47.13 -4.90
C SER A 20 31.09 -47.38 -3.64
N ILE A 21 30.29 -48.45 -3.67
CA ILE A 21 29.58 -48.89 -2.48
C ILE A 21 30.57 -49.19 -1.33
N GLU A 22 31.69 -49.79 -1.67
CA GLU A 22 32.71 -50.09 -0.64
C GLU A 22 33.25 -48.80 0.01
N GLU A 23 33.47 -47.75 -0.79
CA GLU A 23 33.89 -46.43 -0.25
C GLU A 23 32.77 -45.74 0.57
N TRP A 24 31.53 -45.94 0.15
CA TRP A 24 30.34 -45.40 0.84
C TRP A 24 30.22 -45.89 2.28
N GLU A 25 30.75 -47.08 2.51
CA GLU A 25 30.77 -47.67 3.84
C GLU A 25 31.55 -46.80 4.78
N ASP A 26 32.67 -46.24 4.33
CA ASP A 26 33.42 -45.28 5.17
C ASP A 26 32.78 -43.90 5.24
N LEU A 27 32.22 -43.47 4.12
CA LEU A 27 31.65 -42.15 3.98
C LEU A 27 30.51 -41.89 4.96
N VAL A 28 29.61 -42.85 5.08
CA VAL A 28 28.43 -42.63 5.94
C VAL A 28 28.84 -42.30 7.39
N LEU A 29 29.90 -42.93 7.89
CA LEU A 29 30.36 -42.68 9.27
C LEU A 29 30.82 -41.22 9.45
N TYR A 30 31.36 -40.61 8.38
CA TYR A 30 31.70 -39.18 8.39
C TYR A 30 30.46 -38.29 8.66
N ALA A 31 29.28 -38.77 8.26
CA ALA A 31 28.03 -38.01 8.48
C ALA A 31 27.31 -38.46 9.76
N LYS A 32 28.05 -39.16 10.62
CA LYS A 32 27.50 -39.68 11.88
C LYS A 32 26.28 -40.58 11.64
N CYS A 33 26.34 -41.36 10.57
CA CYS A 33 25.34 -42.38 10.43
C CYS A 33 25.86 -43.73 9.95
N GLU A 34 24.96 -44.70 9.95
CA GLU A 34 25.29 -46.06 9.52
C GLU A 34 24.45 -46.41 8.30
N LEU A 35 25.03 -47.25 7.45
CA LEU A 35 24.33 -47.74 6.30
C LEU A 35 23.41 -48.88 6.71
N ASP A 36 22.12 -48.56 6.88
CA ASP A 36 21.16 -49.56 7.32
C ASP A 36 20.70 -50.49 6.20
N ASP A 37 20.63 -49.99 4.97
CA ASP A 37 20.24 -50.83 3.83
C ASP A 37 20.72 -50.18 2.54
N VAL A 38 20.84 -50.98 1.48
CA VAL A 38 21.14 -50.51 0.12
C VAL A 38 20.26 -51.36 -0.80
N TRP A 39 19.51 -50.73 -1.69
CA TRP A 39 18.73 -51.47 -2.69
C TRP A 39 18.65 -50.63 -3.99
N GLU A 40 18.20 -51.28 -5.05
CA GLU A 40 18.02 -50.61 -6.33
C GLU A 40 16.54 -50.63 -6.68
N GLU A 41 16.10 -49.58 -7.38
CA GLU A 41 14.78 -49.52 -7.98
C GLU A 41 14.95 -48.98 -9.37
N ASN A 42 14.51 -49.77 -10.34
CA ASN A 42 14.85 -49.61 -11.78
C ASN A 42 16.23 -49.02 -12.05
N GLY A 43 17.25 -49.75 -11.64
CA GLY A 43 18.61 -49.34 -11.89
C GLY A 43 19.12 -48.23 -11.01
N LYS A 44 18.26 -47.61 -10.20
CA LYS A 44 18.71 -46.49 -9.36
C LYS A 44 18.99 -46.96 -7.93
N VAL A 45 20.14 -46.57 -7.37
CA VAL A 45 20.54 -47.04 -6.04
C VAL A 45 20.03 -46.10 -4.91
N TYR A 46 19.47 -46.71 -3.86
CA TYR A 46 19.04 -46.01 -2.65
C TYR A 46 19.73 -46.56 -1.42
N PHE A 47 19.97 -45.69 -0.45
CA PHE A 47 20.42 -46.08 0.88
C PHE A 47 19.32 -45.75 1.90
N LYS A 48 19.19 -46.62 2.91
CA LYS A 48 18.57 -46.20 4.16
C LYS A 48 19.70 -45.90 5.15
N LEU A 49 19.73 -44.66 5.63
CA LEU A 49 20.71 -44.21 6.59
C LEU A 49 20.10 -44.17 7.99
N ASP A 50 20.92 -44.49 8.98
CA ASP A 50 20.48 -44.49 10.36
C ASP A 50 21.28 -43.40 11.04
N SER A 51 20.60 -42.31 11.38
CA SER A 51 21.30 -41.17 11.97
C SER A 51 21.48 -41.35 13.43
N LYS A 52 22.75 -41.36 13.80
CA LYS A 52 23.13 -41.72 15.13
C LYS A 52 23.01 -40.52 16.06
N ASP A 53 22.95 -39.31 15.53
CA ASP A 53 22.88 -38.12 16.39
C ASP A 53 21.44 -37.54 16.52
N THR A 54 20.78 -37.89 17.61
CA THR A 54 19.39 -37.50 17.87
C THR A 54 19.18 -35.97 18.16
N ASN A 55 20.30 -35.27 18.32
CA ASN A 55 20.31 -33.84 18.63
C ASN A 55 20.73 -32.96 17.45
N ARG A 56 20.95 -33.59 16.28
CA ARG A 56 21.41 -32.88 15.09
C ARG A 56 20.46 -33.11 13.88
N PRO A 57 19.32 -32.41 13.86
CA PRO A 57 18.40 -32.46 12.71
C PRO A 57 19.09 -32.09 11.37
N ASP A 58 20.16 -31.31 11.42
CA ASP A 58 20.90 -30.92 10.23
C ASP A 58 21.42 -32.15 9.50
N LEU A 59 21.57 -33.28 10.24
CA LEU A 59 22.17 -34.47 9.69
C LEU A 59 21.17 -35.44 9.17
N TRP A 60 19.89 -35.05 9.10
CA TRP A 60 18.83 -36.00 8.76
C TRP A 60 18.29 -35.91 7.35
N SER A 61 19.14 -35.49 6.40
CA SER A 61 18.75 -35.51 5.01
C SER A 61 19.98 -35.63 4.14
N ALA A 62 19.75 -35.83 2.85
CA ALA A 62 20.87 -35.93 1.86
C ALA A 62 21.74 -34.69 1.89
N GLU A 63 21.07 -33.53 2.03
CA GLU A 63 21.81 -32.26 1.97
C GLU A 63 22.81 -32.18 3.13
N GLY A 64 22.33 -32.53 4.32
CA GLY A 64 23.16 -32.44 5.54
C GLY A 64 24.27 -33.48 5.56
N VAL A 65 23.94 -34.68 5.06
CA VAL A 65 24.92 -35.77 4.93
C VAL A 65 26.07 -35.42 3.94
N ALA A 66 25.69 -34.90 2.76
CA ALA A 66 26.64 -34.49 1.74
C ALA A 66 27.50 -33.37 2.28
N ARG A 67 26.89 -32.47 3.03
CA ARG A 67 27.65 -31.33 3.56
C ARG A 67 28.74 -31.86 4.50
N GLN A 68 28.38 -32.73 5.44
CA GLN A 68 29.37 -33.32 6.31
C GLN A 68 30.49 -34.01 5.58
N ILE A 69 30.10 -34.84 4.63
CA ILE A 69 31.11 -35.55 3.82
C ILE A 69 32.04 -34.59 3.08
N LYS A 70 31.48 -33.51 2.52
CA LYS A 70 32.33 -32.53 1.81
C LYS A 70 33.41 -31.97 2.76
N TRP A 71 33.01 -31.65 3.99
CA TRP A 71 33.96 -31.16 5.00
C TRP A 71 34.95 -32.25 5.44
N ALA A 72 34.45 -33.46 5.65
CA ALA A 72 35.33 -34.59 6.00
C ALA A 72 36.41 -34.81 4.94
N LEU A 73 36.04 -34.66 3.67
CA LEU A 73 36.99 -34.84 2.57
C LEU A 73 37.80 -33.59 2.29
N GLY A 74 37.53 -32.48 2.97
CA GLY A 74 38.22 -31.25 2.68
C GLY A 74 37.83 -30.58 1.37
N ILE A 75 36.64 -30.86 0.84
CA ILE A 75 36.19 -30.17 -0.37
C ILE A 75 35.76 -28.76 0.05
N GLU A 76 35.26 -28.64 1.28
CA GLU A 76 35.10 -27.35 1.94
C GLU A 76 35.74 -27.43 3.33
N LYS A 77 36.01 -26.28 3.95
CA LYS A 77 36.52 -26.23 5.32
C LYS A 77 36.09 -24.97 6.06
N GLY A 78 36.11 -25.03 7.40
CA GLY A 78 35.69 -23.88 8.21
C GLY A 78 34.19 -23.69 8.25
N LEU A 79 33.75 -22.47 8.57
CA LEU A 79 32.35 -22.16 8.65
C LEU A 79 31.69 -22.14 7.27
N PRO A 80 30.57 -22.84 7.07
CA PRO A 80 29.80 -22.70 5.83
C PRO A 80 29.17 -21.33 5.77
N LYS A 81 29.24 -20.70 4.62
CA LYS A 81 28.83 -19.30 4.44
C LYS A 81 27.44 -19.28 3.87
N TYR A 82 26.53 -18.53 4.49
CA TYR A 82 25.15 -18.39 3.99
C TYR A 82 24.74 -16.92 3.82
N GLU A 83 24.48 -16.47 2.60
CA GLU A 83 24.04 -15.08 2.45
C GLU A 83 22.50 -15.02 2.59
N VAL A 84 22.00 -14.07 3.36
CA VAL A 84 20.56 -13.93 3.48
C VAL A 84 20.28 -12.51 3.04
N LYS A 85 19.41 -12.36 2.06
CA LYS A 85 18.94 -11.01 1.68
C LYS A 85 17.48 -10.82 2.08
N LYS A 86 17.09 -9.61 2.47
CA LYS A 86 15.67 -9.38 2.81
C LYS A 86 14.76 -9.50 1.61
N SER A 87 13.67 -10.26 1.75
CA SER A 87 12.57 -10.20 0.82
C SER A 87 11.74 -8.96 1.14
N ASN A 88 10.71 -8.74 0.35
CA ASN A 88 9.83 -7.62 0.61
C ASN A 88 8.57 -8.17 1.31
N VAL A 89 8.74 -9.23 2.10
CA VAL A 89 7.59 -9.92 2.61
C VAL A 89 7.46 -9.72 4.14
N THR A 90 6.22 -9.48 4.55
CA THR A 90 5.81 -9.47 5.94
C THR A 90 4.84 -10.61 6.26
N VAL A 91 5.05 -11.24 7.41
CA VAL A 91 4.07 -12.18 7.96
C VAL A 91 3.63 -11.65 9.33
N TYR A 92 2.32 -11.63 9.57
CA TYR A 92 1.78 -11.21 10.88
C TYR A 92 1.42 -12.42 11.70
N VAL A 93 1.95 -12.46 12.93
CA VAL A 93 1.54 -13.48 13.92
C VAL A 93 0.57 -12.96 14.97
N ASP A 94 -0.65 -13.51 14.95
CA ASP A 94 -1.75 -13.12 15.84
C ASP A 94 -1.46 -13.39 17.32
N GLU A 95 -1.58 -12.34 18.15
CA GLU A 95 -1.37 -12.51 19.59
C GLU A 95 -2.39 -13.45 20.19
N LYS A 96 -3.52 -13.59 19.53
CA LYS A 96 -4.59 -14.48 20.01
C LYS A 96 -4.19 -15.96 19.92
N LEU A 97 -3.07 -16.21 19.24
CA LEU A 97 -2.51 -17.59 19.19
C LEU A 97 -1.64 -17.94 20.41
N LYS A 98 -1.44 -16.96 21.30
CA LYS A 98 -0.45 -17.06 22.40
C LYS A 98 -0.55 -18.34 23.23
N ASP A 99 -1.78 -18.79 23.50
CA ASP A 99 -1.99 -19.98 24.31
C ASP A 99 -2.57 -21.09 23.46
N ILE A 100 -2.40 -20.98 22.13
CA ILE A 100 -2.90 -22.01 21.22
C ILE A 100 -1.75 -22.63 20.40
N ARG A 101 -0.97 -21.77 19.74
CA ARG A 101 0.27 -22.22 19.05
C ARG A 101 1.10 -20.95 18.75
N PRO A 102 1.81 -20.44 19.78
CA PRO A 102 2.20 -19.04 19.82
C PRO A 102 3.16 -18.55 18.72
N TYR A 103 4.14 -19.37 18.31
CA TYR A 103 5.23 -18.88 17.43
C TYR A 103 5.16 -19.41 16.02
N GLY A 104 5.44 -18.51 15.06
CA GLY A 104 5.65 -18.81 13.63
C GLY A 104 6.92 -18.05 13.22
N VAL A 105 7.78 -18.73 12.45
CA VAL A 105 8.92 -18.08 11.80
C VAL A 105 8.89 -18.57 10.37
N TYR A 106 9.52 -17.80 9.48
CA TYR A 106 9.29 -17.92 8.04
C TYR A 106 10.56 -17.64 7.24
N ALA A 107 10.61 -18.21 6.05
CA ALA A 107 11.68 -17.91 5.10
C ALA A 107 11.18 -18.12 3.68
N ILE A 108 11.86 -17.45 2.76
CA ILE A 108 11.71 -17.72 1.36
C ILE A 108 13.04 -18.22 0.84
N VAL A 109 13.00 -19.25 0.03
CA VAL A 109 14.22 -19.72 -0.67
C VAL A 109 13.95 -19.66 -2.19
N GLU A 110 14.75 -18.87 -2.92
CA GLU A 110 14.47 -18.62 -4.36
C GLU A 110 15.43 -19.39 -5.27
N GLY A 111 15.04 -19.60 -6.53
CA GLY A 111 15.96 -20.05 -7.59
C GLY A 111 16.26 -21.53 -7.53
N LEU A 112 15.31 -22.30 -7.02
CA LEU A 112 15.50 -23.73 -6.92
C LEU A 112 15.14 -24.36 -8.26
N ARG A 113 15.80 -25.45 -8.57
CA ARG A 113 15.33 -26.32 -9.63
C ARG A 113 15.08 -27.69 -9.03
N LEU A 114 13.81 -28.04 -8.78
CA LEU A 114 13.49 -29.23 -8.05
C LEU A 114 13.34 -30.44 -8.97
N ASP A 115 13.42 -31.63 -8.39
CA ASP A 115 13.14 -32.88 -9.10
C ASP A 115 12.66 -33.88 -8.10
N GLU A 116 12.44 -35.12 -8.54
CA GLU A 116 11.90 -36.14 -7.65
C GLU A 116 12.76 -36.30 -6.38
N ASP A 117 14.07 -36.38 -6.55
CA ASP A 117 14.98 -36.57 -5.41
C ASP A 117 14.97 -35.39 -4.43
N SER A 118 15.15 -34.18 -4.95
CA SER A 118 15.16 -32.98 -4.05
C SER A 118 13.82 -32.73 -3.40
N LEU A 119 12.72 -32.92 -4.13
CA LEU A 119 11.39 -32.74 -3.52
C LEU A 119 11.10 -33.78 -2.43
N SER A 120 11.51 -35.02 -2.68
CA SER A 120 11.27 -36.03 -1.71
C SER A 120 12.17 -35.84 -0.44
N GLN A 121 13.41 -35.42 -0.60
CA GLN A 121 14.27 -35.10 0.55
C GLN A 121 13.67 -33.95 1.44
N MSE A 122 13.21 -32.90 0.78
CA MSE A 122 12.63 -31.75 1.47
C MSE A 122 11.41 -32.20 2.28
O MSE A 122 11.30 -31.88 3.46
CB MSE A 122 12.29 -30.66 0.46
CG MSE A 122 11.80 -29.32 1.01
SE MSE A 122 11.18 -28.12 -0.52
CE MSE A 122 12.18 -29.09 -1.87
N ILE A 123 10.53 -33.00 1.68
CA ILE A 123 9.38 -33.59 2.38
C ILE A 123 9.73 -34.55 3.53
N GLN A 124 10.68 -35.46 3.29
CA GLN A 124 11.10 -36.38 4.35
C GLN A 124 11.73 -35.59 5.53
N LEU A 125 12.52 -34.58 5.20
CA LEU A 125 13.17 -33.73 6.23
C LEU A 125 12.12 -32.99 7.09
N GLN A 126 11.12 -32.48 6.41
CA GLN A 126 9.99 -31.86 7.07
C GLN A 126 9.34 -32.84 8.06
N GLU A 127 9.11 -34.09 7.63
CA GLU A 127 8.52 -35.08 8.51
C GLU A 127 9.49 -35.52 9.61
N LYS A 128 10.74 -35.78 9.28
CA LYS A 128 11.71 -36.26 10.31
C LYS A 128 11.95 -35.21 11.38
N ILE A 129 12.08 -33.94 10.98
CA ILE A 129 12.19 -32.89 12.02
C ILE A 129 10.96 -32.85 12.93
N ALA A 130 9.78 -32.85 12.32
CA ALA A 130 8.53 -32.77 13.07
C ALA A 130 8.30 -33.95 13.99
N LEU A 131 8.70 -35.15 13.56
CA LEU A 131 8.46 -36.35 14.39
C LEU A 131 9.28 -36.36 15.65
N THR A 132 10.59 -36.21 15.48
CA THR A 132 11.62 -36.40 16.51
C THR A 132 11.92 -35.13 17.29
N PHE A 133 12.50 -34.17 16.59
CA PHE A 133 12.83 -32.87 17.19
C PHE A 133 11.56 -32.15 17.62
N GLY A 134 10.50 -32.27 16.82
CA GLY A 134 9.28 -31.51 17.09
C GLY A 134 8.20 -32.24 17.89
N ARG A 135 8.52 -33.41 18.43
CA ARG A 135 7.61 -34.24 19.25
C ARG A 135 6.23 -34.43 18.59
N ARG A 136 6.26 -35.16 17.48
CA ARG A 136 5.09 -35.50 16.70
C ARG A 136 4.32 -34.20 16.36
N ARG A 137 5.07 -33.17 15.95
CA ARG A 137 4.54 -31.89 15.42
C ARG A 137 4.16 -30.87 16.51
N ARG A 138 4.03 -31.31 17.77
CA ARG A 138 3.54 -30.35 18.79
C ARG A 138 4.53 -29.24 18.99
N GLU A 139 5.82 -29.60 19.08
CA GLU A 139 6.87 -28.60 19.33
C GLU A 139 7.34 -27.90 18.06
N VAL A 140 7.32 -28.60 16.93
CA VAL A 140 7.76 -28.07 15.64
C VAL A 140 6.95 -28.71 14.54
N ALA A 141 6.24 -27.88 13.77
CA ALA A 141 5.55 -28.34 12.55
C ALA A 141 6.03 -27.46 11.39
N ILE A 142 6.32 -28.06 10.25
CA ILE A 142 6.90 -27.33 9.13
C ILE A 142 5.96 -27.41 7.96
N GLY A 143 5.64 -26.26 7.42
CA GLY A 143 4.94 -26.19 6.11
C GLY A 143 5.86 -25.66 5.00
N ILE A 144 5.65 -26.18 3.79
CA ILE A 144 6.35 -25.66 2.59
C ILE A 144 5.34 -25.38 1.50
N PHE A 145 5.57 -24.26 0.80
CA PHE A 145 4.60 -23.70 -0.15
C PHE A 145 5.31 -23.11 -1.36
N ASP A 146 4.63 -23.12 -2.50
CA ASP A 146 5.13 -22.40 -3.66
C ASP A 146 4.84 -20.90 -3.52
N PHE A 147 5.90 -20.13 -3.31
CA PHE A 147 5.79 -18.69 -3.05
C PHE A 147 5.10 -17.92 -4.19
N ASP A 148 5.31 -18.38 -5.41
CA ASP A 148 4.71 -17.76 -6.61
C ASP A 148 3.21 -17.92 -6.63
N LYS A 149 2.69 -18.82 -5.79
CA LYS A 149 1.27 -19.14 -5.79
C LYS A 149 0.53 -18.48 -4.63
N ILE A 150 1.22 -17.67 -3.84
CA ILE A 150 0.52 -17.03 -2.69
C ILE A 150 0.66 -15.52 -2.80
N LYS A 151 -0.23 -14.77 -2.14
CA LYS A 151 -0.19 -13.31 -2.19
C LYS A 151 0.06 -12.74 -0.80
N PRO A 152 1.27 -12.25 -0.61
CA PRO A 152 1.69 -11.62 0.65
C PRO A 152 1.01 -10.19 0.77
N PRO A 153 0.87 -9.61 1.96
CA PRO A 153 1.35 -10.16 3.24
C PRO A 153 0.67 -11.49 3.63
N ILE A 154 1.32 -12.23 4.52
CA ILE A 154 0.78 -13.53 4.99
C ILE A 154 0.39 -13.36 6.47
N TYR A 155 -0.69 -14.02 6.87
CA TYR A 155 -1.23 -13.97 8.24
C TYR A 155 -1.26 -15.35 8.89
N TYR A 156 -0.61 -15.48 10.04
CA TYR A 156 -0.74 -16.66 10.88
C TYR A 156 -1.68 -16.25 12.04
N LYS A 157 -2.91 -16.71 11.99
CA LYS A 157 -3.97 -16.16 12.85
C LYS A 157 -4.81 -17.18 13.62
N ALA A 158 -5.48 -16.69 14.67
CA ALA A 158 -6.47 -17.47 15.37
C ALA A 158 -7.75 -17.35 14.56
N ALA A 159 -8.24 -18.47 14.08
CA ALA A 159 -9.45 -18.55 13.25
C ALA A 159 -10.65 -19.18 13.98
N GLU A 160 -11.84 -18.68 13.65
CA GLU A 160 -13.11 -19.30 13.98
C GLU A 160 -13.16 -20.73 13.43
N LYS A 161 -13.78 -21.62 14.22
CA LYS A 161 -13.90 -23.02 13.87
C LYS A 161 -14.81 -23.30 12.66
N THR A 162 -15.59 -22.29 12.28
CA THR A 162 -16.48 -22.37 11.11
C THR A 162 -15.85 -21.86 9.82
N GLU A 163 -14.66 -21.27 9.90
CA GLU A 163 -13.88 -20.98 8.66
C GLU A 163 -13.72 -22.25 7.81
N LYS A 164 -13.61 -22.07 6.50
CA LYS A 164 -13.55 -23.18 5.56
C LYS A 164 -12.34 -23.10 4.64
N PHE A 165 -11.84 -24.29 4.25
CA PHE A 165 -10.94 -24.44 3.11
C PHE A 165 -10.92 -25.92 2.74
N ALA A 166 -10.39 -26.26 1.57
CA ALA A 166 -10.30 -27.64 1.10
C ALA A 166 -8.93 -28.17 1.53
N PRO A 167 -8.92 -29.11 2.47
CA PRO A 167 -7.64 -29.67 2.94
C PRO A 167 -7.08 -30.61 1.87
N LEU A 168 -5.77 -30.82 1.91
CA LEU A 168 -5.06 -31.70 1.01
C LEU A 168 -5.76 -33.06 0.89
N GLY A 169 -6.01 -33.43 -0.36
CA GLY A 169 -6.66 -34.69 -0.74
C GLY A 169 -8.17 -34.56 -0.92
N TYR A 170 -8.73 -33.37 -0.74
CA TYR A 170 -10.19 -33.12 -0.84
C TYR A 170 -10.46 -31.93 -1.78
N LYS A 171 -11.45 -32.05 -2.67
CA LYS A 171 -11.68 -31.01 -3.70
C LYS A 171 -12.67 -29.93 -3.26
N GLU A 172 -13.34 -30.14 -2.14
CA GLU A 172 -14.35 -29.23 -1.64
C GLU A 172 -13.96 -28.70 -0.26
N GLU A 173 -14.33 -27.46 0.01
CA GLU A 173 -14.09 -26.85 1.32
C GLU A 173 -14.91 -27.50 2.42
N MSE A 174 -14.32 -27.52 3.62
CA MSE A 174 -14.98 -27.99 4.84
C MSE A 174 -14.64 -27.03 5.95
O MSE A 174 -13.60 -26.38 5.91
CB MSE A 174 -14.43 -29.35 5.24
CG MSE A 174 -14.80 -30.47 4.33
SE MSE A 174 -13.75 -32.03 4.95
CE MSE A 174 -14.82 -33.41 3.95
N THR A 175 -15.48 -26.95 6.99
CA THR A 175 -15.12 -26.15 8.16
C THR A 175 -13.90 -26.75 8.84
N LEU A 176 -13.21 -25.91 9.59
CA LEU A 176 -12.07 -26.35 10.37
C LEU A 176 -12.46 -27.50 11.28
N GLU A 177 -13.61 -27.36 11.93
CA GLU A 177 -14.22 -28.41 12.71
C GLU A 177 -14.35 -29.75 11.96
N GLU A 178 -14.91 -29.70 10.75
CA GLU A 178 -15.09 -30.89 9.92
C GLU A 178 -13.76 -31.51 9.52
N ILE A 179 -12.76 -30.66 9.28
CA ILE A 179 -11.43 -31.18 8.94
C ILE A 179 -10.84 -31.98 10.11
N LEU A 180 -10.91 -31.42 11.33
CA LEU A 180 -10.43 -32.15 12.53
C LEU A 180 -11.12 -33.50 12.69
N GLU A 181 -12.42 -33.52 12.38
CA GLU A 181 -13.24 -34.74 12.49
C GLU A 181 -12.97 -35.75 11.38
N LYS A 182 -12.97 -35.30 10.13
CA LYS A 182 -12.94 -36.19 8.96
C LYS A 182 -11.57 -36.49 8.35
N HIS A 183 -10.67 -35.52 8.34
CA HIS A 183 -9.36 -35.72 7.70
C HIS A 183 -8.50 -36.64 8.57
N GLU A 184 -7.79 -37.56 7.93
CA GLU A 184 -6.91 -38.46 8.71
C GLU A 184 -5.87 -37.70 9.58
N LYS A 185 -5.36 -36.55 9.11
CA LYS A 185 -4.39 -35.78 9.90
C LYS A 185 -5.12 -34.97 10.97
N GLY A 186 -6.40 -34.72 10.73
CA GLY A 186 -7.27 -34.13 11.72
C GLY A 186 -7.51 -35.05 12.92
N ARG A 187 -7.72 -36.35 12.65
CA ARG A 187 -7.91 -37.35 13.70
C ARG A 187 -6.58 -37.54 14.45
N GLU A 188 -5.51 -37.63 13.68
CA GLU A 188 -4.18 -37.89 14.22
C GLU A 188 -3.65 -36.76 15.10
N TYR A 189 -3.82 -35.50 14.67
CA TYR A 189 -3.21 -34.36 15.33
C TYR A 189 -4.15 -33.36 15.97
N GLY A 190 -5.44 -33.53 15.76
CA GLY A 190 -6.44 -32.56 16.25
C GLY A 190 -6.47 -32.24 17.72
N HIS A 191 -6.07 -33.20 18.56
CA HIS A 191 -6.11 -33.04 20.01
C HIS A 191 -5.20 -31.89 20.46
N LEU A 192 -4.22 -31.56 19.61
CA LEU A 192 -3.27 -30.46 19.89
C LEU A 192 -3.93 -29.10 19.95
N ILE A 193 -5.08 -28.99 19.29
CA ILE A 193 -5.82 -27.73 19.13
C ILE A 193 -7.34 -27.78 19.38
N LYS A 194 -7.94 -28.97 19.26
CA LYS A 194 -9.42 -29.08 19.23
C LYS A 194 -10.21 -28.45 20.38
N ASP A 195 -9.60 -28.37 21.57
CA ASP A 195 -10.26 -27.86 22.77
C ASP A 195 -10.04 -26.36 22.99
N LYS A 196 -9.32 -25.70 22.07
CA LYS A 196 -9.12 -24.24 22.14
C LYS A 196 -10.29 -23.52 21.49
N GLN A 197 -10.42 -22.24 21.78
CA GLN A 197 -11.51 -21.45 21.25
C GLN A 197 -11.35 -21.21 19.74
N PHE A 198 -10.11 -21.07 19.29
CA PHE A 198 -9.79 -20.78 17.87
C PHE A 198 -8.74 -21.77 17.38
N TYR A 199 -8.70 -22.00 16.07
CA TYR A 199 -7.62 -22.85 15.49
C TYR A 199 -6.65 -22.00 14.68
N PRO A 200 -5.36 -22.35 14.67
CA PRO A 200 -4.37 -21.59 13.91
C PRO A 200 -4.65 -21.76 12.41
N LEU A 201 -4.56 -20.66 11.68
CA LEU A 201 -4.72 -20.71 10.25
C LEU A 201 -3.62 -19.84 9.60
N LEU A 202 -3.02 -20.36 8.55
CA LEU A 202 -2.04 -19.60 7.75
C LEU A 202 -2.71 -19.21 6.42
N ILE A 203 -2.88 -17.91 6.18
CA ILE A 203 -3.77 -17.42 5.13
C ILE A 203 -3.14 -16.24 4.42
N ASP A 204 -3.37 -16.11 3.11
CA ASP A 204 -2.71 -15.04 2.42
C ASP A 204 -3.65 -13.82 2.31
N SER A 205 -3.16 -12.78 1.65
CA SER A 205 -3.87 -11.48 1.64
C SER A 205 -5.16 -11.42 0.87
N GLU A 206 -5.40 -12.42 0.04
CA GLU A 206 -6.71 -12.57 -0.58
C GLU A 206 -7.58 -13.65 0.04
N GLY A 207 -7.23 -14.11 1.23
CA GLY A 207 -8.10 -15.07 1.91
C GLY A 207 -7.88 -16.52 1.52
N ASN A 208 -6.83 -16.80 0.75
CA ASN A 208 -6.51 -18.20 0.42
C ASN A 208 -5.72 -18.84 1.54
N VAL A 209 -6.27 -19.93 2.04
CA VAL A 209 -5.67 -20.64 3.17
C VAL A 209 -4.58 -21.56 2.67
N LEU A 210 -3.37 -21.26 3.14
CA LEU A 210 -2.22 -22.12 2.96
C LEU A 210 -2.33 -23.43 3.74
N SER A 211 -2.66 -23.34 5.03
CA SER A 211 -2.68 -24.52 5.89
C SER A 211 -3.39 -24.19 7.19
N MSE A 212 -3.69 -25.24 7.97
CA MSE A 212 -4.05 -25.06 9.36
C MSE A 212 -2.99 -25.73 10.23
O MSE A 212 -3.07 -26.95 10.46
CB MSE A 212 -5.42 -25.70 9.62
CG MSE A 212 -5.79 -25.79 11.09
SE MSE A 212 -7.67 -26.38 11.41
CE MSE A 212 -7.69 -27.93 10.41
N PRO A 213 -1.93 -25.00 10.68
CA PRO A 213 -0.92 -25.63 11.56
C PRO A 213 -1.57 -26.14 12.87
N PRO A 214 -1.10 -27.27 13.40
CA PRO A 214 -0.09 -28.14 12.82
C PRO A 214 -0.73 -29.38 12.18
N ILE A 215 -1.86 -29.18 11.51
CA ILE A 215 -2.75 -30.27 11.08
C ILE A 215 -2.56 -30.69 9.62
N ILE A 216 -2.79 -29.78 8.67
CA ILE A 216 -2.76 -30.13 7.25
C ILE A 216 -2.66 -28.87 6.40
N ASN A 217 -2.01 -29.02 5.24
CA ASN A 217 -1.97 -28.01 4.22
C ASN A 217 -3.22 -28.03 3.32
N SER A 218 -3.37 -26.99 2.51
CA SER A 218 -4.51 -26.95 1.62
C SER A 218 -4.28 -27.75 0.32
N GLU A 219 -5.39 -28.19 -0.28
CA GLU A 219 -5.37 -28.86 -1.59
C GLU A 219 -4.96 -27.91 -2.74
N PHE A 220 -5.42 -26.67 -2.69
CA PHE A 220 -5.29 -25.79 -3.86
C PHE A 220 -4.39 -24.57 -3.72
N THR A 221 -4.04 -24.22 -2.48
CA THR A 221 -3.25 -23.00 -2.28
C THR A 221 -1.78 -23.29 -2.00
N GLY A 222 -0.92 -22.78 -2.89
CA GLY A 222 0.53 -22.84 -2.73
C GLY A 222 1.17 -24.22 -2.81
N ARG A 223 0.57 -25.12 -3.59
CA ARG A 223 1.16 -26.48 -3.73
C ARG A 223 2.55 -26.50 -4.34
N VAL A 224 3.47 -27.21 -3.72
CA VAL A 224 4.82 -27.39 -4.23
C VAL A 224 4.87 -28.58 -5.20
N THR A 225 5.45 -28.35 -6.37
CA THR A 225 5.65 -29.42 -7.36
C THR A 225 7.12 -29.39 -7.78
N THR A 226 7.55 -30.31 -8.66
CA THR A 226 8.90 -30.16 -9.22
C THR A 226 9.06 -28.92 -10.12
N ASP A 227 7.96 -28.25 -10.51
CA ASP A 227 8.04 -26.96 -11.24
C ASP A 227 8.25 -25.75 -10.32
N THR A 228 8.07 -25.97 -9.01
CA THR A 228 8.31 -24.91 -8.02
C THR A 228 9.77 -24.43 -8.00
N LYS A 229 9.94 -23.12 -8.13
CA LYS A 229 11.25 -22.46 -8.06
C LYS A 229 11.52 -21.70 -6.75
N ASN A 230 10.46 -21.13 -6.17
CA ASN A 230 10.58 -20.25 -5.00
C ASN A 230 9.67 -20.79 -3.92
N VAL A 231 10.25 -21.18 -2.80
CA VAL A 231 9.50 -21.84 -1.72
C VAL A 231 9.32 -20.88 -0.55
N PHE A 232 8.13 -20.93 0.03
CA PHE A 232 7.82 -20.18 1.23
C PHE A 232 7.70 -21.24 2.36
N ILE A 233 8.45 -21.05 3.42
CA ILE A 233 8.47 -22.08 4.52
C ILE A 233 7.92 -21.49 5.79
N ASP A 234 7.03 -22.20 6.50
CA ASP A 234 6.58 -21.73 7.82
C ASP A 234 6.96 -22.80 8.85
N VAL A 235 7.34 -22.37 10.05
CA VAL A 235 7.56 -23.29 11.15
C VAL A 235 6.87 -22.74 12.36
N THR A 236 6.03 -23.57 12.98
CA THR A 236 5.28 -23.15 14.16
C THR A 236 5.59 -24.04 15.37
N GLY A 237 5.32 -23.50 16.56
CA GLY A 237 5.45 -24.30 17.77
C GLY A 237 5.40 -23.42 19.00
N TRP A 238 5.97 -23.94 20.08
CA TRP A 238 5.80 -23.39 21.42
C TRP A 238 7.01 -22.60 21.95
N LYS A 239 8.20 -22.81 21.36
CA LYS A 239 9.42 -22.10 21.78
C LYS A 239 10.09 -21.51 20.57
N LEU A 240 10.38 -20.22 20.62
CA LEU A 240 10.96 -19.53 19.48
C LEU A 240 12.30 -20.14 19.04
N GLU A 241 13.14 -20.52 20.01
CA GLU A 241 14.46 -21.09 19.69
C GLU A 241 14.32 -22.37 18.91
N LYS A 242 13.33 -23.18 19.27
CA LYS A 242 13.16 -24.48 18.61
C LYS A 242 12.67 -24.36 17.14
N VAL A 243 11.70 -23.47 16.92
CA VAL A 243 11.20 -23.24 15.53
C VAL A 243 12.26 -22.58 14.67
N MSE A 244 13.12 -21.76 15.26
CA MSE A 244 14.22 -21.15 14.51
C MSE A 244 15.30 -22.14 14.11
O MSE A 244 15.81 -22.08 13.03
CB MSE A 244 14.82 -20.00 15.31
CG MSE A 244 13.84 -18.88 15.48
CG MSE A 244 13.87 -18.84 15.49
SE MSE A 244 13.99 -17.64 13.99
SE MSE A 244 14.72 -17.30 16.36
CE MSE A 244 15.60 -16.61 14.64
CE MSE A 244 13.49 -16.05 15.92
N LEU A 245 15.64 -23.04 15.02
CA LEU A 245 16.58 -24.12 14.68
C LEU A 245 16.08 -24.90 13.47
N ALA A 246 14.81 -25.34 13.54
CA ALA A 246 14.20 -26.14 12.49
C ALA A 246 14.17 -25.35 11.14
N LEU A 247 13.84 -24.08 11.22
CA LEU A 247 13.83 -23.23 10.00
C LEU A 247 15.25 -23.15 9.41
N ASN A 248 16.24 -22.97 10.29
CA ASN A 248 17.61 -22.89 9.88
C ASN A 248 18.06 -24.16 9.17
N VAL A 249 17.70 -25.31 9.74
CA VAL A 249 17.99 -26.59 9.08
C VAL A 249 17.35 -26.64 7.67
N MSE A 250 16.06 -26.31 7.56
CA MSE A 250 15.33 -26.33 6.26
C MSE A 250 16.00 -25.45 5.21
O MSE A 250 16.22 -25.87 4.09
CB MSE A 250 13.86 -25.87 6.41
CG MSE A 250 12.94 -26.80 7.20
SE MSE A 250 12.78 -28.65 6.37
CE MSE A 250 12.69 -28.21 4.51
N VAL A 251 16.25 -24.18 5.56
CA VAL A 251 16.81 -23.25 4.56
C VAL A 251 18.27 -23.55 4.18
N THR A 252 19.10 -24.02 5.12
CA THR A 252 20.46 -24.39 4.76
C THR A 252 20.49 -25.67 3.94
N ALA A 253 19.56 -26.60 4.17
CA ALA A 253 19.48 -27.74 3.27
C ALA A 253 19.20 -27.28 1.82
N LEU A 254 18.25 -26.37 1.66
CA LEU A 254 17.91 -25.80 0.35
C LEU A 254 19.02 -24.96 -0.27
N ALA A 255 19.80 -24.27 0.57
CA ALA A 255 21.00 -23.58 0.07
C ALA A 255 22.01 -24.56 -0.58
N GLU A 256 22.06 -25.80 -0.08
CA GLU A 256 22.94 -26.83 -0.71
C GLU A 256 22.52 -27.22 -2.10
N ARG A 257 21.26 -26.95 -2.43
CA ARG A 257 20.71 -27.15 -3.78
C ARG A 257 20.72 -25.83 -4.61
N GLY A 258 21.48 -24.83 -4.18
CA GLY A 258 21.60 -23.60 -4.96
C GLY A 258 20.55 -22.55 -4.60
N GLY A 259 19.66 -22.88 -3.64
CA GLY A 259 18.65 -21.91 -3.18
C GLY A 259 19.23 -20.63 -2.60
N LYS A 260 18.60 -19.50 -2.91
CA LYS A 260 19.01 -18.20 -2.35
C LYS A 260 18.05 -17.84 -1.22
N ILE A 261 18.58 -17.69 -0.01
CA ILE A 261 17.74 -17.58 1.19
C ILE A 261 17.36 -16.12 1.38
N ARG A 262 16.08 -15.88 1.58
CA ARG A 262 15.56 -14.51 1.70
C ARG A 262 14.84 -14.43 3.01
N SER A 263 15.11 -13.39 3.80
CA SER A 263 14.49 -13.24 5.09
C SER A 263 13.12 -12.58 4.97
N VAL A 264 12.27 -12.80 5.96
CA VAL A 264 10.99 -12.15 5.99
C VAL A 264 10.87 -11.42 7.35
N ARG A 265 10.05 -10.37 7.36
CA ARG A 265 9.75 -9.58 8.57
C ARG A 265 8.56 -10.22 9.25
N VAL A 266 8.72 -10.63 10.51
CA VAL A 266 7.67 -11.33 11.18
C VAL A 266 7.22 -10.43 12.33
N VAL A 267 5.96 -10.01 12.25
CA VAL A 267 5.36 -8.99 13.14
C VAL A 267 4.44 -9.64 14.19
N TYR A 268 4.89 -9.54 15.43
CA TYR A 268 4.11 -9.94 16.57
C TYR A 268 3.50 -8.68 17.21
N LYS A 269 2.61 -8.82 18.18
CA LYS A 269 2.02 -7.64 18.80
C LYS A 269 3.10 -6.74 19.43
N ASP A 270 4.02 -7.33 20.20
CA ASP A 270 4.96 -6.55 21.01
C ASP A 270 6.37 -6.49 20.45
N PHE A 271 6.61 -7.12 19.30
CA PHE A 271 7.95 -7.12 18.76
C PHE A 271 7.91 -7.60 17.35
N GLU A 272 9.01 -7.39 16.66
CA GLU A 272 9.12 -7.82 15.29
C GLU A 272 10.47 -8.57 15.21
N ILE A 273 10.59 -9.53 14.29
CA ILE A 273 11.88 -10.24 14.10
C ILE A 273 12.13 -10.57 12.66
N GLU A 274 13.39 -10.65 12.27
CA GLU A 274 13.70 -10.94 10.90
C GLU A 274 14.15 -12.38 10.84
N THR A 275 13.43 -13.23 10.09
CA THR A 275 13.85 -14.67 10.01
C THR A 275 14.13 -15.11 8.55
N PRO A 276 15.01 -16.10 8.30
CA PRO A 276 15.87 -16.74 9.30
C PRO A 276 17.01 -15.85 9.73
N ASP A 277 17.53 -16.12 10.91
CA ASP A 277 18.77 -15.48 11.37
C ASP A 277 19.86 -16.51 11.36
N LEU A 278 20.79 -16.41 10.41
CA LEU A 278 21.84 -17.41 10.29
C LEU A 278 23.19 -16.89 10.79
N THR A 279 23.16 -15.87 11.66
CA THR A 279 24.39 -15.40 12.32
C THR A 279 25.09 -16.59 13.01
N PRO A 280 26.38 -16.81 12.73
CA PRO A 280 27.09 -17.94 13.34
C PRO A 280 26.96 -17.89 14.85
N LYS A 281 26.87 -19.05 15.48
CA LYS A 281 26.90 -19.11 16.92
C LYS A 281 28.34 -19.18 17.46
N GLU A 282 28.51 -18.80 18.71
CA GLU A 282 29.85 -18.64 19.28
C GLU A 282 30.08 -19.52 20.50
N PHE A 283 31.34 -19.95 20.65
CA PHE A 283 31.80 -20.71 21.79
C PHE A 283 33.31 -20.49 21.96
N GLU A 284 33.80 -20.61 23.19
CA GLU A 284 35.22 -20.46 23.49
C GLU A 284 35.71 -21.66 24.26
N VAL A 285 36.84 -22.20 23.86
CA VAL A 285 37.43 -23.33 24.57
C VAL A 285 38.96 -23.16 24.71
N GLU A 286 39.49 -23.57 25.85
CA GLU A 286 40.95 -23.60 26.08
C GLU A 286 41.51 -24.82 25.35
N LEU A 287 42.50 -24.64 24.47
CA LEU A 287 43.03 -25.79 23.73
C LEU A 287 43.71 -26.84 24.62
N ASP A 288 44.21 -26.41 25.77
CA ASP A 288 44.80 -27.39 26.67
C ASP A 288 43.73 -28.29 27.33
N TYR A 289 42.49 -27.81 27.44
CA TYR A 289 41.38 -28.66 27.87
C TYR A 289 41.20 -29.82 26.88
N ILE A 290 41.25 -29.51 25.59
CA ILE A 290 41.13 -30.51 24.55
C ILE A 290 42.26 -31.57 24.63
N ARG A 291 43.51 -31.09 24.72
CA ARG A 291 44.65 -32.00 24.91
C ARG A 291 44.51 -32.86 26.17
N LYS A 292 44.28 -32.23 27.32
CA LYS A 292 44.28 -32.93 28.60
C LYS A 292 43.17 -33.97 28.70
N LEU A 293 41.99 -33.66 28.15
CA LEU A 293 40.90 -34.59 28.31
C LEU A 293 40.81 -35.62 27.17
N SER A 294 41.40 -35.32 26.01
CA SER A 294 41.37 -36.29 24.91
C SER A 294 42.46 -37.37 25.03
N GLY A 295 43.51 -37.09 25.80
CA GLY A 295 44.70 -37.95 25.85
C GLY A 295 45.48 -37.88 24.56
N LEU A 296 45.24 -36.83 23.76
CA LEU A 296 45.96 -36.73 22.50
C LEU A 296 46.97 -35.60 22.57
N GLU A 297 48.13 -35.77 21.93
CA GLU A 297 49.08 -34.66 21.87
C GLU A 297 48.97 -33.96 20.53
N LEU A 298 47.95 -33.12 20.39
CA LEU A 298 47.79 -32.39 19.16
C LEU A 298 48.16 -30.95 19.51
N ASN A 299 48.94 -30.29 18.66
CA ASN A 299 49.28 -28.90 18.94
C ASN A 299 48.10 -28.02 18.56
N ASP A 300 48.20 -26.71 18.81
CA ASP A 300 47.09 -25.81 18.53
C ASP A 300 46.65 -25.80 17.06
N GLY A 301 47.62 -25.84 16.14
CA GLY A 301 47.37 -25.90 14.71
C GLY A 301 46.64 -27.17 14.28
N GLU A 302 47.02 -28.31 14.84
CA GLU A 302 46.34 -29.57 14.54
C GLU A 302 44.88 -29.58 15.01
N ILE A 303 44.67 -29.06 16.21
CA ILE A 303 43.32 -28.95 16.76
C ILE A 303 42.51 -28.00 15.89
N LYS A 304 43.11 -26.85 15.52
CA LYS A 304 42.40 -25.94 14.62
C LYS A 304 41.91 -26.64 13.34
N GLU A 305 42.79 -27.42 12.72
CA GLU A 305 42.51 -28.11 11.47
C GLU A 305 41.40 -29.14 11.65
N LEU A 306 41.38 -29.84 12.77
CA LEU A 306 40.32 -30.82 13.03
C LEU A 306 38.95 -30.11 13.20
N LEU A 307 38.92 -29.02 13.97
CA LEU A 307 37.67 -28.27 14.16
C LEU A 307 37.17 -27.60 12.87
N GLU A 308 38.09 -27.18 11.99
CA GLU A 308 37.67 -26.70 10.67
C GLU A 308 36.97 -27.76 9.80
N LYS A 309 37.40 -29.03 9.89
CA LYS A 309 36.68 -30.15 9.25
C LYS A 309 35.29 -30.39 9.85
N MSE A 310 35.03 -29.87 11.05
CA MSE A 310 33.75 -30.04 11.77
C MSE A 310 32.89 -28.79 11.62
O MSE A 310 31.87 -28.63 12.29
CB MSE A 310 34.00 -30.39 13.23
CG MSE A 310 34.82 -31.67 13.39
SE MSE A 310 33.83 -33.21 12.50
CE MSE A 310 32.27 -33.39 13.74
N MSE A 311 33.31 -27.93 10.70
CA MSE A 311 32.56 -26.74 10.27
C MSE A 311 32.66 -25.58 11.23
O MSE A 311 31.80 -24.68 11.22
CB MSE A 311 31.09 -27.07 9.95
CG MSE A 311 30.95 -28.17 8.89
SE MSE A 311 29.11 -28.46 8.35
CE MSE A 311 28.44 -28.97 9.91
N TYR A 312 33.74 -25.53 12.02
CA TYR A 312 33.95 -24.38 12.91
C TYR A 312 34.86 -23.34 12.28
N GLU A 313 34.60 -22.08 12.60
CA GLU A 313 35.62 -21.06 12.45
C GLU A 313 36.41 -21.05 13.73
N VAL A 314 37.72 -20.93 13.61
CA VAL A 314 38.62 -21.07 14.76
C VAL A 314 39.66 -19.93 14.75
N GLU A 315 39.68 -19.15 15.83
CA GLU A 315 40.65 -18.10 16.06
C GLU A 315 41.35 -18.39 17.38
N ILE A 316 42.64 -18.69 17.31
CA ILE A 316 43.41 -19.02 18.51
C ILE A 316 44.25 -17.85 18.93
N SER A 317 44.10 -17.41 20.18
CA SER A 317 45.08 -16.50 20.75
C SER A 317 45.39 -16.90 22.19
N ARG A 318 46.69 -17.06 22.45
CA ARG A 318 47.20 -17.53 23.75
C ARG A 318 46.55 -18.83 24.25
N GLY A 319 46.58 -19.86 23.40
CA GLY A 319 46.06 -21.17 23.75
C GLY A 319 44.53 -21.29 23.89
N ARG A 320 43.81 -20.20 23.69
CA ARG A 320 42.35 -20.36 23.69
C ARG A 320 41.65 -20.03 22.39
N ALA A 321 40.73 -20.92 22.01
CA ALA A 321 40.09 -20.87 20.72
C ALA A 321 38.73 -20.17 20.82
N LYS A 322 38.62 -19.05 20.13
CA LYS A 322 37.31 -18.43 19.91
C LYS A 322 36.67 -19.09 18.67
N LEU A 323 35.53 -19.72 18.86
CA LEU A 323 34.91 -20.55 17.78
C LEU A 323 33.62 -19.91 17.30
N LYS A 324 33.35 -20.07 16.01
CA LYS A 324 32.02 -19.84 15.48
C LYS A 324 31.56 -21.17 14.84
N TYR A 325 30.27 -21.45 14.92
CA TYR A 325 29.69 -22.64 14.29
C TYR A 325 28.34 -22.32 13.67
N PRO A 326 27.88 -23.18 12.75
CA PRO A 326 26.67 -22.88 11.94
C PRO A 326 25.42 -22.71 12.80
N ALA A 327 24.54 -21.79 12.41
CA ALA A 327 23.29 -21.52 13.14
C ALA A 327 22.29 -22.67 13.03
N PHE A 328 22.57 -23.65 12.14
CA PHE A 328 21.73 -24.88 12.04
C PHE A 328 22.01 -25.94 13.17
N ARG A 329 22.99 -25.63 14.05
CA ARG A 329 23.30 -26.47 15.21
C ARG A 329 22.84 -25.80 16.49
N ASP A 330 22.27 -26.58 17.41
CA ASP A 330 21.99 -26.06 18.73
C ASP A 330 22.34 -27.10 19.81
N ASP A 331 23.18 -28.07 19.46
CA ASP A 331 23.58 -29.12 20.37
C ASP A 331 24.80 -28.79 21.23
N ILE A 332 25.52 -27.72 20.91
CA ILE A 332 26.73 -27.36 21.67
C ILE A 332 26.33 -26.61 22.93
N MSE A 333 26.76 -27.12 24.09
CA MSE A 333 26.41 -26.53 25.40
C MSE A 333 27.65 -26.44 26.31
O MSE A 333 27.83 -25.45 27.02
CB MSE A 333 25.37 -27.40 26.11
CG MSE A 333 23.95 -26.85 26.18
CG MSE A 333 23.92 -27.23 25.59
SE MSE A 333 22.61 -28.28 26.40
SE MSE A 333 23.30 -25.35 25.41
CE MSE A 333 21.44 -27.36 27.62
CE MSE A 333 21.48 -25.55 26.22
N HIS A 334 28.51 -27.46 26.25
CA HIS A 334 29.62 -27.56 27.18
C HIS A 334 30.95 -27.80 26.46
N ALA A 335 32.07 -27.48 27.12
CA ALA A 335 33.41 -27.78 26.58
C ALA A 335 33.57 -29.23 26.09
N ARG A 336 32.93 -30.18 26.78
CA ARG A 336 33.04 -31.59 26.35
C ARG A 336 32.39 -31.83 24.94
N ASP A 337 31.50 -30.93 24.51
CA ASP A 337 30.91 -31.02 23.15
C ASP A 337 31.93 -30.65 22.06
N ILE A 338 32.78 -29.64 22.33
CA ILE A 338 33.89 -29.33 21.43
C ILE A 338 34.85 -30.51 21.39
N LEU A 339 35.14 -31.06 22.56
CA LEU A 339 36.04 -32.22 22.66
C LEU A 339 35.54 -33.39 21.83
N GLU A 340 34.24 -33.65 21.90
CA GLU A 340 33.65 -34.73 21.10
C GLU A 340 33.88 -34.54 19.60
N ASP A 341 33.72 -33.31 19.12
CA ASP A 341 33.89 -33.06 17.68
C ASP A 341 35.34 -33.24 17.25
N VAL A 342 36.28 -32.83 18.11
CA VAL A 342 37.72 -33.11 17.86
C VAL A 342 38.00 -34.61 17.72
N LEU A 343 37.41 -35.40 18.63
CA LEU A 343 37.59 -36.85 18.63
C LEU A 343 37.00 -37.45 17.37
N ILE A 344 35.83 -36.97 16.97
CA ILE A 344 35.20 -37.41 15.75
C ILE A 344 36.07 -37.12 14.53
N ALA A 345 36.52 -35.87 14.39
CA ALA A 345 37.33 -35.40 13.25
C ALA A 345 38.67 -36.11 13.16
N TYR A 346 39.24 -36.41 14.32
CA TYR A 346 40.45 -37.25 14.42
C TYR A 346 40.29 -38.57 13.60
N GLY A 347 39.04 -39.04 13.41
CA GLY A 347 38.73 -40.24 12.60
C GLY A 347 38.75 -40.01 11.08
N TYR A 348 38.58 -38.77 10.65
CA TYR A 348 38.54 -38.43 9.23
C TYR A 348 39.88 -38.69 8.51
N PRO B 2 -17.17 25.11 -4.13
CA PRO B 2 -18.55 24.67 -4.33
C PRO B 2 -19.51 25.85 -4.46
N LYS B 3 -20.65 25.62 -5.07
CA LYS B 3 -21.70 26.62 -5.19
C LYS B 3 -22.77 26.39 -4.12
N PHE B 4 -23.41 27.46 -3.69
CA PHE B 4 -24.45 27.39 -2.66
C PHE B 4 -25.36 28.61 -2.76
N ASP B 5 -26.63 28.45 -2.40
CA ASP B 5 -27.62 29.56 -2.42
C ASP B 5 -27.73 30.29 -1.09
N VAL B 6 -27.93 31.61 -1.13
CA VAL B 6 -28.11 32.41 0.07
C VAL B 6 -29.19 33.44 -0.20
N SER B 7 -29.77 33.94 0.88
CA SER B 7 -30.75 34.98 0.77
C SER B 7 -30.04 36.29 1.00
N LYS B 8 -30.29 37.25 0.12
CA LYS B 8 -29.75 38.61 0.26
C LYS B 8 -30.14 39.27 1.60
N SER B 9 -31.41 39.21 1.95
CA SER B 9 -31.86 39.80 3.25
C SER B 9 -31.21 39.06 4.45
N ASP B 10 -30.99 37.77 4.30
CA ASP B 10 -30.38 36.95 5.35
C ASP B 10 -28.92 37.34 5.56
N LEU B 11 -28.15 37.42 4.47
CA LEU B 11 -26.77 37.93 4.53
C LEU B 11 -26.70 39.26 5.23
N GLU B 12 -27.64 40.13 4.90
CA GLU B 12 -27.63 41.50 5.40
C GLU B 12 -27.99 41.62 6.88
N ARG B 13 -28.94 40.80 7.36
CA ARG B 13 -29.17 40.72 8.82
C ARG B 13 -27.93 40.17 9.53
N LEU B 14 -27.22 39.23 8.90
CA LEU B 14 -25.97 38.70 9.47
C LEU B 14 -24.82 39.72 9.52
N ILE B 15 -24.68 40.52 8.47
CA ILE B 15 -23.67 41.57 8.44
C ILE B 15 -24.08 42.75 9.33
N GLY B 16 -25.38 43.02 9.34
CA GLY B 16 -25.94 44.08 10.16
C GLY B 16 -26.24 45.33 9.37
N ARG B 17 -26.14 45.24 8.03
CA ARG B 17 -26.59 46.33 7.19
C ARG B 17 -26.86 45.86 5.75
N SER B 18 -27.52 46.73 4.97
CA SER B 18 -27.98 46.39 3.62
C SER B 18 -27.14 47.02 2.52
N PHE B 19 -27.09 46.38 1.35
CA PHE B 19 -26.24 46.88 0.24
C PHE B 19 -27.01 46.74 -1.06
N SER B 20 -26.70 47.58 -2.03
CA SER B 20 -27.28 47.41 -3.36
C SER B 20 -26.65 46.20 -4.04
N ILE B 21 -27.31 45.70 -5.08
CA ILE B 21 -26.74 44.59 -5.89
C ILE B 21 -25.38 45.02 -6.44
N GLU B 22 -25.26 46.27 -6.91
CA GLU B 22 -23.96 46.78 -7.39
C GLU B 22 -22.84 46.67 -6.35
N GLU B 23 -23.20 46.97 -5.11
CA GLU B 23 -22.24 46.89 -4.00
C GLU B 23 -21.92 45.45 -3.63
N TRP B 24 -22.92 44.57 -3.79
CA TRP B 24 -22.75 43.14 -3.53
C TRP B 24 -21.75 42.48 -4.45
N GLU B 25 -21.62 43.02 -5.67
CA GLU B 25 -20.63 42.56 -6.63
C GLU B 25 -19.23 42.62 -6.05
N ASP B 26 -18.98 43.62 -5.22
CA ASP B 26 -17.68 43.78 -4.61
C ASP B 26 -17.58 42.91 -3.37
N LEU B 27 -18.65 42.88 -2.60
CA LEU B 27 -18.65 42.19 -1.30
C LEU B 27 -18.38 40.69 -1.40
N VAL B 28 -18.94 40.05 -2.41
CA VAL B 28 -18.79 38.58 -2.57
C VAL B 28 -17.30 38.21 -2.68
N LEU B 29 -16.51 39.00 -3.39
CA LEU B 29 -15.07 38.75 -3.49
C LEU B 29 -14.31 38.76 -2.14
N TYR B 30 -14.77 39.57 -1.18
CA TYR B 30 -14.20 39.59 0.16
C TYR B 30 -14.29 38.23 0.84
N ALA B 31 -15.40 37.53 0.58
CA ALA B 31 -15.65 36.19 1.12
C ALA B 31 -15.04 35.10 0.24
N LYS B 32 -14.18 35.48 -0.70
CA LYS B 32 -13.56 34.52 -1.61
C LYS B 32 -14.61 33.81 -2.46
N CYS B 33 -15.68 34.53 -2.76
CA CYS B 33 -16.77 34.04 -3.61
C CYS B 33 -16.95 34.91 -4.86
N GLU B 34 -17.54 34.30 -5.89
CA GLU B 34 -18.10 35.03 -7.04
C GLU B 34 -19.62 34.86 -7.04
N LEU B 35 -20.32 35.86 -7.56
CA LEU B 35 -21.76 35.80 -7.82
C LEU B 35 -22.03 34.98 -9.08
N ASP B 36 -22.56 33.77 -8.89
CA ASP B 36 -22.87 32.89 -10.00
C ASP B 36 -24.28 33.14 -10.57
N ASP B 37 -25.17 33.71 -9.75
CA ASP B 37 -26.51 33.99 -10.23
C ASP B 37 -27.24 34.85 -9.22
N VAL B 38 -28.18 35.66 -9.71
CA VAL B 38 -29.09 36.42 -8.87
C VAL B 38 -30.54 36.24 -9.38
N TRP B 39 -31.49 36.00 -8.46
CA TRP B 39 -32.90 35.89 -8.86
C TRP B 39 -33.83 36.25 -7.72
N GLU B 40 -35.10 36.37 -8.06
CA GLU B 40 -36.14 36.67 -7.12
C GLU B 40 -37.13 35.51 -7.12
N GLU B 41 -37.58 35.13 -5.93
CA GLU B 41 -38.55 34.04 -5.75
C GLU B 41 -39.60 34.48 -4.72
N ASN B 42 -40.88 34.40 -5.09
CA ASN B 42 -41.98 35.18 -4.46
C ASN B 42 -41.57 36.33 -3.51
N GLY B 43 -41.16 37.44 -4.12
CA GLY B 43 -40.77 38.63 -3.36
C GLY B 43 -39.33 38.72 -2.86
N LYS B 44 -38.62 37.58 -2.72
CA LYS B 44 -37.28 37.56 -2.08
C LYS B 44 -36.11 37.44 -3.06
N VAL B 45 -35.03 38.16 -2.82
CA VAL B 45 -33.81 38.08 -3.63
C VAL B 45 -32.84 37.03 -3.09
N TYR B 46 -32.36 36.16 -3.99
CA TYR B 46 -31.37 35.12 -3.71
C TYR B 46 -30.13 35.25 -4.60
N PHE B 47 -29.00 34.86 -4.04
CA PHE B 47 -27.76 34.71 -4.78
C PHE B 47 -27.36 33.25 -4.83
N LYS B 48 -26.78 32.83 -5.94
CA LYS B 48 -25.97 31.64 -5.95
C LYS B 48 -24.50 32.07 -5.92
N LEU B 49 -23.81 31.57 -4.90
CA LEU B 49 -22.42 31.92 -4.68
C LEU B 49 -21.54 30.75 -5.11
N ASP B 50 -20.39 31.09 -5.69
CA ASP B 50 -19.36 30.12 -6.09
C ASP B 50 -18.12 30.35 -5.23
N SER B 51 -17.84 29.44 -4.31
CA SER B 51 -16.67 29.55 -3.47
C SER B 51 -15.53 28.81 -4.14
N LYS B 52 -14.49 29.57 -4.42
CA LYS B 52 -13.31 29.04 -5.04
C LYS B 52 -12.49 28.16 -4.08
N ASP B 53 -12.49 28.53 -2.80
CA ASP B 53 -11.66 27.84 -1.81
C ASP B 53 -12.21 26.44 -1.43
N THR B 54 -11.72 25.43 -2.13
CA THR B 54 -12.11 24.04 -1.91
C THR B 54 -11.72 23.51 -0.51
N ASN B 55 -10.81 24.22 0.14
CA ASN B 55 -10.22 23.86 1.42
C ASN B 55 -10.85 24.58 2.63
N ARG B 56 -11.87 25.40 2.40
CA ARG B 56 -12.43 26.27 3.43
C ARG B 56 -13.95 26.13 3.56
N PRO B 57 -14.39 25.03 4.17
CA PRO B 57 -15.82 24.80 4.41
C PRO B 57 -16.50 25.92 5.22
N ASP B 58 -15.73 26.66 6.02
CA ASP B 58 -16.30 27.76 6.83
C ASP B 58 -16.91 28.82 5.93
N LEU B 59 -16.43 28.88 4.68
CA LEU B 59 -16.87 29.88 3.71
C LEU B 59 -18.05 29.40 2.88
N TRP B 60 -18.58 28.22 3.15
CA TRP B 60 -19.67 27.75 2.33
C TRP B 60 -21.09 27.94 2.82
N SER B 61 -21.37 28.97 3.59
CA SER B 61 -22.72 29.28 3.95
C SER B 61 -22.86 30.76 4.16
N ALA B 62 -24.07 31.24 4.39
CA ALA B 62 -24.31 32.68 4.59
C ALA B 62 -23.66 33.20 5.85
N GLU B 63 -23.62 32.36 6.89
CA GLU B 63 -23.00 32.75 8.15
C GLU B 63 -21.52 32.99 7.91
N GLY B 64 -20.88 32.09 7.20
CA GLY B 64 -19.44 32.18 6.96
C GLY B 64 -19.03 33.29 5.99
N VAL B 65 -19.88 33.53 4.99
CA VAL B 65 -19.70 34.60 4.01
C VAL B 65 -19.84 35.98 4.72
N ALA B 66 -20.96 36.17 5.39
CA ALA B 66 -21.22 37.35 6.18
C ALA B 66 -20.12 37.64 7.21
N ARG B 67 -19.54 36.58 7.77
CA ARG B 67 -18.48 36.72 8.76
C ARG B 67 -17.25 37.32 8.12
N GLN B 68 -16.79 36.73 7.00
CA GLN B 68 -15.63 37.25 6.31
C GLN B 68 -15.90 38.69 5.81
N ILE B 69 -17.14 38.97 5.41
CA ILE B 69 -17.53 40.33 5.01
C ILE B 69 -17.46 41.32 6.18
N LYS B 70 -18.04 40.98 7.34
CA LYS B 70 -17.84 41.81 8.56
C LYS B 70 -16.34 42.13 8.80
N TRP B 71 -15.47 41.13 8.65
CA TRP B 71 -14.04 41.32 8.85
C TRP B 71 -13.40 42.20 7.77
N ALA B 72 -13.77 41.99 6.51
CA ALA B 72 -13.30 42.84 5.39
C ALA B 72 -13.73 44.32 5.56
N LEU B 73 -14.89 44.55 6.17
CA LEU B 73 -15.41 45.89 6.38
C LEU B 73 -14.99 46.55 7.70
N GLY B 74 -14.25 45.83 8.53
CA GLY B 74 -13.81 46.37 9.82
C GLY B 74 -14.88 46.41 10.89
N ILE B 75 -15.98 45.70 10.67
CA ILE B 75 -17.05 45.63 11.65
C ILE B 75 -16.57 44.82 12.85
N GLU B 76 -15.74 43.82 12.56
CA GLU B 76 -14.99 43.10 13.57
C GLU B 76 -13.53 43.02 13.08
N LYS B 77 -12.63 42.71 14.00
CA LYS B 77 -11.22 42.53 13.64
C LYS B 77 -10.58 41.54 14.59
N GLY B 78 -9.47 40.95 14.18
CA GLY B 78 -8.77 40.01 15.03
C GLY B 78 -9.51 38.71 15.09
N LEU B 79 -9.19 37.93 16.12
CA LEU B 79 -9.68 36.57 16.28
C LEU B 79 -11.14 36.59 16.73
N PRO B 80 -12.02 35.88 16.03
CA PRO B 80 -13.37 35.73 16.49
C PRO B 80 -13.33 34.83 17.72
N LYS B 81 -14.06 35.21 18.74
CA LYS B 81 -14.01 34.46 19.98
C LYS B 81 -15.33 33.69 20.20
N TYR B 82 -15.20 32.45 20.64
CA TYR B 82 -16.37 31.61 20.88
C TYR B 82 -16.35 31.12 22.31
N GLU B 83 -17.48 31.11 22.98
CA GLU B 83 -17.49 30.62 24.35
C GLU B 83 -18.12 29.26 24.25
N VAL B 84 -17.48 28.27 24.85
CA VAL B 84 -18.08 26.95 24.90
C VAL B 84 -18.29 26.61 26.39
N LYS B 85 -19.49 26.21 26.78
CA LYS B 85 -19.74 25.72 28.15
C LYS B 85 -20.14 24.23 28.11
N LYS B 86 -19.75 23.44 29.11
CA LYS B 86 -20.19 22.03 29.18
C LYS B 86 -21.69 21.87 29.30
N SER B 87 -22.25 20.97 28.48
CA SER B 87 -23.59 20.44 28.69
C SER B 87 -23.42 19.29 29.70
N ASN B 88 -24.52 18.69 30.12
CA ASN B 88 -24.36 17.55 31.04
C ASN B 88 -24.60 16.27 30.24
N VAL B 89 -24.13 16.25 28.99
CA VAL B 89 -24.51 15.20 28.07
C VAL B 89 -23.29 14.35 27.74
N THR B 90 -23.51 13.03 27.70
CA THR B 90 -22.50 12.08 27.25
C THR B 90 -22.99 11.37 26.02
N VAL B 91 -22.05 11.12 25.07
CA VAL B 91 -22.30 10.26 23.93
C VAL B 91 -21.24 9.18 23.94
N TYR B 92 -21.67 7.93 23.74
CA TYR B 92 -20.75 6.80 23.77
C TYR B 92 -20.46 6.35 22.38
N VAL B 93 -19.18 6.22 22.05
CA VAL B 93 -18.83 5.70 20.73
C VAL B 93 -18.29 4.25 20.88
N ASP B 94 -18.97 3.34 20.20
CA ASP B 94 -18.81 1.89 20.35
C ASP B 94 -17.47 1.50 19.64
N GLU B 95 -16.59 0.81 20.35
CA GLU B 95 -15.33 0.39 19.76
C GLU B 95 -15.54 -0.58 18.63
N LYS B 96 -16.71 -1.23 18.59
CA LYS B 96 -17.00 -2.15 17.50
C LYS B 96 -17.21 -1.49 16.14
N LEU B 97 -17.40 -0.16 16.14
CA LEU B 97 -17.40 0.59 14.89
C LEU B 97 -15.97 0.91 14.37
N LYS B 98 -14.92 0.47 15.07
CA LYS B 98 -13.51 0.85 14.75
C LYS B 98 -13.19 0.68 13.29
N ASP B 99 -13.63 -0.45 12.72
CA ASP B 99 -13.35 -0.73 11.33
C ASP B 99 -14.59 -0.65 10.46
N ILE B 100 -15.59 0.12 10.90
CA ILE B 100 -16.82 0.37 10.12
C ILE B 100 -17.03 1.87 9.79
N ARG B 101 -16.99 2.69 10.84
CA ARG B 101 -17.02 4.16 10.73
C ARG B 101 -16.58 4.71 12.11
N PRO B 102 -15.26 4.76 12.36
CA PRO B 102 -14.78 4.76 13.73
C PRO B 102 -15.11 5.98 14.59
N TYR B 103 -15.15 7.17 14.02
CA TYR B 103 -15.24 8.37 14.84
C TYR B 103 -16.59 9.05 14.83
N GLY B 104 -17.08 9.43 16.00
CA GLY B 104 -18.15 10.44 16.09
C GLY B 104 -17.73 11.60 17.01
N VAL B 105 -18.14 12.82 16.67
CA VAL B 105 -17.98 13.98 17.54
C VAL B 105 -19.35 14.70 17.56
N TYR B 106 -19.60 15.53 18.56
CA TYR B 106 -20.97 15.97 18.88
C TYR B 106 -20.93 17.35 19.50
N ALA B 107 -22.04 18.07 19.37
CA ALA B 107 -22.16 19.37 20.01
C ALA B 107 -23.63 19.65 20.22
N ILE B 108 -23.90 20.55 21.15
CA ILE B 108 -25.24 21.08 21.26
C ILE B 108 -25.13 22.62 21.10
N VAL B 109 -26.06 23.19 20.34
CA VAL B 109 -26.15 24.66 20.22
C VAL B 109 -27.53 25.06 20.71
N GLU B 110 -27.58 25.91 21.74
CA GLU B 110 -28.84 26.24 22.43
C GLU B 110 -29.29 27.68 22.11
N GLY B 111 -30.58 27.97 22.27
CA GLY B 111 -31.06 29.38 22.25
C GLY B 111 -31.19 29.92 20.84
N LEU B 112 -31.43 29.02 19.90
CA LEU B 112 -31.60 29.44 18.50
C LEU B 112 -33.04 29.89 18.24
N ARG B 113 -33.18 30.89 17.36
CA ARG B 113 -34.48 31.31 16.85
C ARG B 113 -34.45 31.08 15.34
N LEU B 114 -34.91 29.92 14.90
CA LEU B 114 -34.77 29.52 13.51
C LEU B 114 -35.90 30.09 12.65
N ASP B 115 -35.62 30.18 11.36
CA ASP B 115 -36.64 30.49 10.39
C ASP B 115 -36.26 29.81 9.10
N GLU B 116 -37.00 30.09 8.02
CA GLU B 116 -36.78 29.34 6.77
C GLU B 116 -35.36 29.56 6.20
N ASP B 117 -34.85 30.77 6.26
CA ASP B 117 -33.51 31.07 5.80
C ASP B 117 -32.43 30.38 6.66
N SER B 118 -32.48 30.57 7.98
CA SER B 118 -31.49 29.98 8.88
C SER B 118 -31.54 28.44 8.84
N LEU B 119 -32.75 27.88 8.84
CA LEU B 119 -32.90 26.42 8.69
C LEU B 119 -32.37 25.87 7.37
N SER B 120 -32.70 26.51 6.24
CA SER B 120 -32.17 25.98 4.97
C SER B 120 -30.64 26.20 4.84
N GLN B 121 -30.11 27.26 5.45
CA GLN B 121 -28.64 27.45 5.44
C GLN B 121 -27.92 26.30 6.14
N MSE B 122 -28.41 25.97 7.35
CA MSE B 122 -27.87 24.87 8.16
C MSE B 122 -27.95 23.55 7.40
O MSE B 122 -26.99 22.79 7.37
CB MSE B 122 -28.64 24.77 9.49
CG MSE B 122 -28.19 23.68 10.40
SE MSE B 122 -29.32 23.67 12.07
CE MSE B 122 -30.38 25.17 11.66
N ILE B 123 -29.09 23.30 6.76
CA ILE B 123 -29.25 22.06 5.98
C ILE B 123 -28.32 21.97 4.76
N GLN B 124 -28.16 23.08 4.05
CA GLN B 124 -27.32 23.07 2.84
C GLN B 124 -25.85 22.92 3.23
N LEU B 125 -25.45 23.54 4.35
CA LEU B 125 -24.05 23.47 4.83
C LEU B 125 -23.67 22.01 5.16
N GLN B 126 -24.61 21.33 5.81
CA GLN B 126 -24.57 19.90 6.09
C GLN B 126 -24.21 19.13 4.81
N GLU B 127 -24.97 19.43 3.74
CA GLU B 127 -24.82 18.78 2.44
C GLU B 127 -23.51 19.20 1.78
N LYS B 128 -23.24 20.51 1.76
CA LYS B 128 -22.04 21.04 1.10
C LYS B 128 -20.77 20.50 1.74
N ILE B 129 -20.72 20.43 3.07
CA ILE B 129 -19.53 19.92 3.75
C ILE B 129 -19.32 18.43 3.46
N ALA B 130 -20.40 17.67 3.58
CA ALA B 130 -20.38 16.23 3.32
C ALA B 130 -19.95 15.88 1.90
N LEU B 131 -20.40 16.68 0.93
CA LEU B 131 -20.09 16.40 -0.48
C LEU B 131 -18.65 16.65 -0.82
N THR B 132 -18.20 17.87 -0.54
CA THR B 132 -16.90 18.35 -1.02
C THR B 132 -15.84 17.93 -0.03
N PHE B 133 -15.85 18.56 1.14
CA PHE B 133 -14.89 18.25 2.19
C PHE B 133 -14.96 16.79 2.65
N GLY B 134 -16.15 16.22 2.67
CA GLY B 134 -16.33 14.85 3.20
C GLY B 134 -16.40 13.76 2.15
N ARG B 135 -16.08 14.11 0.91
CA ARG B 135 -15.90 13.10 -0.16
C ARG B 135 -17.20 12.27 -0.29
N ARG B 136 -18.30 12.94 -0.61
CA ARG B 136 -19.60 12.28 -0.73
C ARG B 136 -19.93 11.42 0.48
N ARG B 137 -19.83 12.04 1.67
CA ARG B 137 -20.12 11.42 2.97
C ARG B 137 -19.15 10.40 3.52
N ARG B 138 -18.29 9.79 2.70
CA ARG B 138 -17.46 8.72 3.25
C ARG B 138 -16.60 9.23 4.41
N GLU B 139 -15.96 10.38 4.20
CA GLU B 139 -15.07 10.96 5.19
C GLU B 139 -15.75 11.80 6.26
N VAL B 140 -16.79 12.52 5.90
CA VAL B 140 -17.56 13.33 6.87
C VAL B 140 -19.01 13.25 6.53
N ALA B 141 -19.83 12.87 7.52
CA ALA B 141 -21.28 12.89 7.36
C ALA B 141 -21.82 13.60 8.62
N ILE B 142 -22.75 14.52 8.41
CA ILE B 142 -23.28 15.38 9.48
C ILE B 142 -24.76 15.15 9.66
N GLY B 143 -25.19 14.94 10.90
CA GLY B 143 -26.61 14.90 11.23
C GLY B 143 -26.96 16.08 12.14
N ILE B 144 -28.20 16.54 12.05
CA ILE B 144 -28.71 17.59 12.95
C ILE B 144 -30.06 17.10 13.46
N PHE B 145 -30.30 17.36 14.75
CA PHE B 145 -31.46 16.86 15.51
C PHE B 145 -31.93 17.92 16.46
N ASP B 146 -33.20 17.83 16.79
CA ASP B 146 -33.76 18.70 17.81
C ASP B 146 -33.44 18.03 19.16
N PHE B 147 -32.52 18.62 19.92
CA PHE B 147 -32.05 18.06 21.20
C PHE B 147 -33.18 17.88 22.20
N ASP B 148 -34.15 18.78 22.15
CA ASP B 148 -35.32 18.60 23.04
C ASP B 148 -36.14 17.34 22.79
N LYS B 149 -35.93 16.66 21.67
CA LYS B 149 -36.76 15.51 21.31
C LYS B 149 -36.00 14.18 21.47
N ILE B 150 -34.80 14.23 22.06
CA ILE B 150 -34.06 13.01 22.28
C ILE B 150 -33.78 12.84 23.77
N LYS B 151 -33.51 11.58 24.18
CA LYS B 151 -33.17 11.29 25.59
C LYS B 151 -31.74 10.76 25.74
N PRO B 152 -30.88 11.62 26.24
CA PRO B 152 -29.49 11.28 26.49
C PRO B 152 -29.38 10.39 27.77
N PRO B 153 -28.23 9.76 27.98
CA PRO B 153 -27.10 9.67 27.02
C PRO B 153 -27.45 9.13 25.62
N ILE B 154 -26.62 9.50 24.65
CA ILE B 154 -26.74 9.04 23.26
C ILE B 154 -25.64 7.97 22.95
N TYR B 155 -25.96 7.04 22.09
CA TYR B 155 -25.08 5.90 21.73
C TYR B 155 -24.90 5.89 20.22
N TYR B 156 -23.65 6.00 19.78
CA TYR B 156 -23.28 5.78 18.38
C TYR B 156 -22.64 4.38 18.38
N LYS B 157 -23.35 3.42 17.80
CA LYS B 157 -23.02 2.01 18.05
C LYS B 157 -23.07 1.12 16.81
N ALA B 158 -22.46 -0.06 16.89
CA ALA B 158 -22.59 -1.07 15.84
C ALA B 158 -23.90 -1.82 16.06
N ALA B 159 -24.81 -1.78 15.08
CA ALA B 159 -26.12 -2.39 15.23
C ALA B 159 -26.26 -3.65 14.35
N GLU B 160 -27.02 -4.63 14.87
CA GLU B 160 -27.47 -5.77 14.06
C GLU B 160 -28.25 -5.28 12.85
N LYS B 161 -28.07 -5.95 11.72
CA LYS B 161 -28.76 -5.56 10.50
C LYS B 161 -30.28 -5.74 10.60
N THR B 162 -30.74 -6.42 11.65
CA THR B 162 -32.17 -6.64 11.85
C THR B 162 -32.88 -5.51 12.63
N GLU B 163 -32.12 -4.62 13.28
CA GLU B 163 -32.70 -3.44 13.96
C GLU B 163 -33.59 -2.64 13.00
N LYS B 164 -34.56 -1.92 13.55
CA LYS B 164 -35.59 -1.28 12.75
C LYS B 164 -35.81 0.19 13.09
N PHE B 165 -36.08 1.01 12.09
CA PHE B 165 -36.68 2.34 12.30
C PHE B 165 -37.29 2.83 11.00
N ALA B 166 -38.05 3.91 11.06
CA ALA B 166 -38.62 4.53 9.86
C ALA B 166 -37.71 5.67 9.34
N PRO B 167 -37.04 5.45 8.20
CA PRO B 167 -36.11 6.46 7.69
C PRO B 167 -36.87 7.62 7.10
N LEU B 168 -36.22 8.78 7.03
CA LEU B 168 -36.80 10.03 6.49
C LEU B 168 -37.62 9.85 5.21
N GLY B 169 -38.87 10.31 5.25
CA GLY B 169 -39.74 10.26 4.09
C GLY B 169 -40.61 9.02 4.08
N TYR B 170 -40.36 8.08 4.99
CA TYR B 170 -41.13 6.84 5.14
C TYR B 170 -41.88 6.82 6.48
N LYS B 171 -43.16 6.42 6.45
CA LYS B 171 -43.95 6.28 7.67
C LYS B 171 -43.87 4.89 8.32
N GLU B 172 -43.36 3.92 7.58
CA GLU B 172 -43.20 2.58 8.13
C GLU B 172 -41.76 2.25 8.51
N GLU B 173 -41.60 1.57 9.64
CA GLU B 173 -40.31 1.07 10.08
C GLU B 173 -39.81 -0.01 9.14
N MSE B 174 -38.51 -0.01 8.89
CA MSE B 174 -37.84 -1.05 8.09
C MSE B 174 -36.59 -1.54 8.80
O MSE B 174 -36.01 -0.79 9.58
CB MSE B 174 -37.42 -0.48 6.76
CG MSE B 174 -38.55 -0.19 5.83
SE MSE B 174 -37.83 0.57 4.19
CE MSE B 174 -39.46 0.33 3.14
N THR B 175 -36.15 -2.77 8.54
CA THR B 175 -34.83 -3.18 9.01
C THR B 175 -33.73 -2.33 8.35
N LEU B 176 -32.57 -2.30 8.99
CA LEU B 176 -31.40 -1.64 8.41
C LEU B 176 -31.09 -2.20 7.00
N GLU B 177 -31.06 -3.53 6.87
CA GLU B 177 -30.90 -4.17 5.55
C GLU B 177 -31.85 -3.59 4.51
N GLU B 178 -33.14 -3.52 4.86
CA GLU B 178 -34.17 -3.05 3.93
C GLU B 178 -33.97 -1.60 3.53
N ILE B 179 -33.54 -0.77 4.50
CA ILE B 179 -33.29 0.65 4.20
C ILE B 179 -32.21 0.80 3.13
N LEU B 180 -31.11 0.07 3.29
CA LEU B 180 -30.01 0.09 2.33
C LEU B 180 -30.47 -0.39 0.99
N GLU B 181 -31.44 -1.31 1.00
CA GLU B 181 -31.95 -1.92 -0.21
C GLU B 181 -32.91 -0.97 -0.92
N LYS B 182 -33.81 -0.37 -0.15
CA LYS B 182 -34.96 0.32 -0.75
C LYS B 182 -34.96 1.84 -0.67
N HIS B 183 -34.25 2.39 0.31
CA HIS B 183 -34.24 3.82 0.44
C HIS B 183 -33.30 4.38 -0.63
N GLU B 184 -33.76 5.41 -1.31
CA GLU B 184 -32.94 6.27 -2.14
C GLU B 184 -31.47 6.43 -1.64
N LYS B 185 -31.33 6.75 -0.35
CA LYS B 185 -30.02 7.02 0.24
C LYS B 185 -29.27 5.74 0.59
N GLY B 186 -30.03 4.68 0.87
CA GLY B 186 -29.45 3.36 1.04
C GLY B 186 -28.77 2.88 -0.24
N ARG B 187 -29.49 2.99 -1.36
CA ARG B 187 -28.93 2.63 -2.66
C ARG B 187 -27.66 3.44 -2.97
N GLU B 188 -27.75 4.75 -2.71
CA GLU B 188 -26.68 5.69 -3.01
C GLU B 188 -25.42 5.51 -2.14
N TYR B 189 -25.61 5.39 -0.81
CA TYR B 189 -24.48 5.39 0.10
C TYR B 189 -24.25 4.07 0.80
N GLY B 190 -25.16 3.10 0.63
CA GLY B 190 -25.04 1.82 1.32
C GLY B 190 -23.73 1.07 1.15
N HIS B 191 -23.07 1.23 0.02
CA HIS B 191 -21.84 0.43 -0.24
C HIS B 191 -20.75 0.70 0.82
N LEU B 192 -20.82 1.89 1.42
CA LEU B 192 -19.91 2.32 2.47
C LEU B 192 -19.94 1.44 3.70
N ILE B 193 -21.06 0.76 3.93
CA ILE B 193 -21.20 -0.08 5.12
C ILE B 193 -21.77 -1.48 4.87
N LYS B 194 -22.31 -1.73 3.70
CA LYS B 194 -23.13 -2.96 3.48
C LYS B 194 -22.37 -4.28 3.70
N ASP B 195 -21.06 -4.25 3.48
CA ASP B 195 -20.29 -5.48 3.60
C ASP B 195 -19.78 -5.79 5.02
N LYS B 196 -20.16 -4.95 5.99
CA LYS B 196 -19.69 -5.15 7.34
C LYS B 196 -20.69 -6.02 8.10
N GLN B 197 -20.26 -6.61 9.20
CA GLN B 197 -21.12 -7.44 10.02
C GLN B 197 -22.23 -6.60 10.72
N PHE B 198 -21.94 -5.33 11.00
CA PHE B 198 -22.88 -4.42 11.70
C PHE B 198 -22.94 -3.09 11.00
N TYR B 199 -24.02 -2.31 11.23
CA TYR B 199 -24.20 -0.97 10.62
C TYR B 199 -24.18 0.10 11.73
N PRO B 200 -23.66 1.31 11.45
CA PRO B 200 -23.61 2.36 12.48
C PRO B 200 -25.03 2.82 12.78
N LEU B 201 -25.33 3.05 14.04
CA LEU B 201 -26.63 3.54 14.40
C LEU B 201 -26.50 4.55 15.51
N LEU B 202 -27.16 5.68 15.36
CA LEU B 202 -27.17 6.67 16.42
C LEU B 202 -28.54 6.62 17.13
N ILE B 203 -28.53 6.33 18.43
CA ILE B 203 -29.73 5.94 19.13
C ILE B 203 -29.73 6.54 20.52
N ASP B 204 -30.90 6.93 21.01
CA ASP B 204 -30.93 7.48 22.35
C ASP B 204 -31.21 6.43 23.41
N SER B 205 -31.35 6.89 24.65
CA SER B 205 -31.47 6.01 25.82
C SER B 205 -32.83 5.32 25.94
N GLU B 206 -33.80 5.79 25.15
CA GLU B 206 -35.10 5.13 25.06
C GLU B 206 -35.14 4.19 23.86
N GLY B 207 -34.01 4.06 23.19
CA GLY B 207 -33.98 3.22 22.01
C GLY B 207 -34.61 3.88 20.79
N ASN B 208 -34.81 5.19 20.83
CA ASN B 208 -35.27 5.85 19.62
C ASN B 208 -34.08 6.08 18.71
N VAL B 209 -34.22 5.72 17.43
CA VAL B 209 -33.12 5.87 16.46
C VAL B 209 -33.11 7.27 15.87
N LEU B 210 -32.00 7.99 16.08
CA LEU B 210 -31.81 9.27 15.40
C LEU B 210 -31.51 9.10 13.93
N SER B 211 -30.53 8.22 13.64
CA SER B 211 -30.06 8.03 12.29
C SER B 211 -29.28 6.73 12.13
N MSE B 212 -28.97 6.41 10.88
CA MSE B 212 -27.97 5.42 10.57
C MSE B 212 -26.93 6.11 9.73
O MSE B 212 -27.11 6.23 8.52
CB MSE B 212 -28.57 4.28 9.73
CG MSE B 212 -27.54 3.28 9.24
SE MSE B 212 -28.34 1.60 8.46
CE MSE B 212 -29.57 2.38 7.31
N PRO B 213 -25.86 6.61 10.37
CA PRO B 213 -24.77 7.24 9.65
C PRO B 213 -24.07 6.21 8.72
N PRO B 214 -23.67 6.58 7.51
CA PRO B 214 -23.86 7.92 6.91
C PRO B 214 -25.01 7.94 5.87
N ILE B 215 -26.09 7.23 6.17
CA ILE B 215 -27.14 6.95 5.17
C ILE B 215 -28.36 7.88 5.26
N ILE B 216 -29.04 7.89 6.40
CA ILE B 216 -30.28 8.61 6.50
C ILE B 216 -30.66 8.84 7.99
N ASN B 217 -31.35 9.95 8.23
CA ASN B 217 -31.93 10.21 9.55
C ASN B 217 -33.34 9.59 9.65
N SER B 218 -33.87 9.53 10.87
CA SER B 218 -35.22 9.06 11.07
C SER B 218 -36.28 10.08 10.71
N GLU B 219 -37.39 9.53 10.23
CA GLU B 219 -38.61 10.29 9.93
C GLU B 219 -39.20 10.93 11.19
N PHE B 220 -39.08 10.26 12.32
CA PHE B 220 -39.86 10.62 13.51
C PHE B 220 -39.06 11.08 14.72
N THR B 221 -37.77 10.76 14.77
CA THR B 221 -36.97 11.02 15.98
C THR B 221 -36.07 12.22 15.85
N GLY B 222 -36.31 13.24 16.66
CA GLY B 222 -35.41 14.42 16.74
C GLY B 222 -35.45 15.31 15.52
N ARG B 223 -36.60 15.38 14.85
CA ARG B 223 -36.69 16.21 13.63
C ARG B 223 -36.54 17.69 13.95
N VAL B 224 -35.74 18.36 13.14
CA VAL B 224 -35.49 19.79 13.29
C VAL B 224 -36.55 20.55 12.49
N THR B 225 -37.14 21.57 13.11
CA THR B 225 -38.11 22.43 12.39
C THR B 225 -37.81 23.88 12.69
N THR B 226 -38.56 24.83 12.12
CA THR B 226 -38.34 26.24 12.50
C THR B 226 -38.68 26.53 13.95
N ASP B 227 -39.41 25.61 14.60
CA ASP B 227 -39.66 25.68 16.07
C ASP B 227 -38.47 25.24 16.95
N THR B 228 -37.58 24.45 16.37
CA THR B 228 -36.38 23.98 17.08
C THR B 228 -35.55 25.11 17.67
N LYS B 229 -35.17 24.97 18.92
CA LYS B 229 -34.38 25.96 19.59
C LYS B 229 -33.01 25.47 20.00
N ASN B 230 -32.95 24.18 20.30
CA ASN B 230 -31.74 23.53 20.76
C ASN B 230 -31.42 22.40 19.81
N VAL B 231 -30.22 22.49 19.22
CA VAL B 231 -29.79 21.54 18.16
C VAL B 231 -28.71 20.62 18.70
N PHE B 232 -28.88 19.32 18.45
CA PHE B 232 -27.84 18.31 18.67
C PHE B 232 -27.18 17.95 17.31
N ILE B 233 -25.87 18.10 17.21
CA ILE B 233 -25.21 17.85 15.91
C ILE B 233 -24.28 16.63 16.05
N ASP B 234 -24.33 15.67 15.13
CA ASP B 234 -23.31 14.60 15.07
C ASP B 234 -22.49 14.67 13.79
N VAL B 235 -21.21 14.32 13.90
CA VAL B 235 -20.33 14.25 12.75
C VAL B 235 -19.54 12.97 12.86
N THR B 236 -19.59 12.14 11.82
CA THR B 236 -18.91 10.86 11.80
C THR B 236 -18.00 10.73 10.60
N GLY B 237 -16.97 9.89 10.73
CA GLY B 237 -16.04 9.68 9.65
C GLY B 237 -14.88 8.81 10.07
N TRP B 238 -13.77 8.95 9.35
CA TRP B 238 -12.60 8.04 9.47
C TRP B 238 -11.40 8.72 10.10
N LYS B 239 -11.45 10.04 10.24
CA LYS B 239 -10.32 10.80 10.82
C LYS B 239 -10.84 11.82 11.83
N LEU B 240 -10.31 11.77 13.05
CA LEU B 240 -10.82 12.60 14.12
C LEU B 240 -10.67 14.08 13.77
N GLU B 241 -9.53 14.49 13.20
CA GLU B 241 -9.36 15.92 12.89
C GLU B 241 -10.32 16.41 11.83
N LYS B 242 -10.67 15.54 10.88
CA LYS B 242 -11.63 15.98 9.84
C LYS B 242 -13.03 16.21 10.39
N VAL B 243 -13.50 15.27 11.18
CA VAL B 243 -14.87 15.38 11.73
C VAL B 243 -14.94 16.55 12.72
N MSE B 244 -13.83 16.79 13.44
CA MSE B 244 -13.76 17.94 14.35
C MSE B 244 -13.80 19.27 13.63
O MSE B 244 -14.46 20.19 14.07
CB MSE B 244 -12.53 17.89 15.24
CG MSE B 244 -12.52 16.72 16.19
CG MSE B 244 -12.66 16.75 16.26
SE MSE B 244 -13.47 17.27 17.75
SE MSE B 244 -11.27 16.68 17.61
CE MSE B 244 -12.00 18.34 18.64
CE MSE B 244 -12.15 17.64 19.11
N LEU B 245 -13.09 19.35 12.52
CA LEU B 245 -13.15 20.54 11.68
C LEU B 245 -14.56 20.84 11.18
N ALA B 246 -15.25 19.82 10.63
CA ALA B 246 -16.61 19.96 10.19
C ALA B 246 -17.55 20.35 11.33
N LEU B 247 -17.37 19.73 12.50
CA LEU B 247 -18.19 20.09 13.68
C LEU B 247 -18.02 21.58 14.03
N ASN B 248 -16.77 22.04 13.99
CA ASN B 248 -16.41 23.41 14.30
C ASN B 248 -17.04 24.41 13.34
N VAL B 249 -17.02 24.08 12.05
CA VAL B 249 -17.73 24.88 11.02
C VAL B 249 -19.23 25.02 11.36
N MSE B 250 -19.89 23.89 11.61
CA MSE B 250 -21.31 23.85 11.93
C MSE B 250 -21.64 24.72 13.15
O MSE B 250 -22.52 25.54 13.08
CB MSE B 250 -21.83 22.42 12.19
CG MSE B 250 -21.78 21.48 10.96
SE MSE B 250 -23.00 22.07 9.52
CE MSE B 250 -24.71 21.80 10.33
N VAL B 251 -20.91 24.53 14.25
CA VAL B 251 -21.27 25.22 15.48
C VAL B 251 -20.94 26.71 15.42
N THR B 252 -19.83 27.06 14.78
CA THR B 252 -19.53 28.48 14.64
C THR B 252 -20.50 29.20 13.70
N ALA B 253 -21.00 28.50 12.69
CA ALA B 253 -22.02 29.06 11.82
C ALA B 253 -23.28 29.36 12.68
N LEU B 254 -23.63 28.42 13.56
CA LEU B 254 -24.78 28.60 14.42
C LEU B 254 -24.60 29.70 15.47
N ALA B 255 -23.36 29.90 15.94
CA ALA B 255 -23.04 30.99 16.86
C ALA B 255 -23.27 32.36 16.21
N GLU B 256 -23.08 32.45 14.89
CA GLU B 256 -23.40 33.70 14.13
C GLU B 256 -24.86 34.05 14.22
N ARG B 257 -25.71 33.05 14.45
CA ARG B 257 -27.14 33.23 14.64
C ARG B 257 -27.55 33.40 16.13
N GLY B 258 -26.58 33.64 17.00
CA GLY B 258 -26.92 33.82 18.42
C GLY B 258 -26.91 32.50 19.23
N GLY B 259 -26.60 31.38 18.57
CA GLY B 259 -26.58 30.07 19.25
C GLY B 259 -25.52 30.01 20.32
N LYS B 260 -25.83 29.33 21.43
CA LYS B 260 -24.87 29.20 22.51
C LYS B 260 -24.29 27.78 22.44
N ILE B 261 -22.98 27.69 22.25
CA ILE B 261 -22.34 26.40 21.95
C ILE B 261 -22.08 25.65 23.28
N ARG B 262 -22.50 24.37 23.32
CA ARG B 262 -22.35 23.52 24.48
C ARG B 262 -21.57 22.25 24.08
N SER B 263 -20.51 21.96 24.80
CA SER B 263 -19.75 20.74 24.59
C SER B 263 -20.42 19.50 25.19
N VAL B 264 -19.99 18.36 24.64
CA VAL B 264 -20.51 17.06 24.92
C VAL B 264 -19.27 16.19 25.31
N ARG B 265 -19.45 15.28 26.26
CA ARG B 265 -18.38 14.33 26.69
C ARG B 265 -18.55 13.11 25.80
N VAL B 266 -17.54 12.80 25.01
CA VAL B 266 -17.62 11.72 24.02
C VAL B 266 -16.70 10.58 24.51
N VAL B 267 -17.33 9.44 24.82
CA VAL B 267 -16.64 8.36 25.51
C VAL B 267 -16.29 7.23 24.53
N TYR B 268 -15.00 7.02 24.33
CA TYR B 268 -14.52 5.90 23.51
C TYR B 268 -14.02 4.79 24.46
N LYS B 269 -13.79 3.59 23.96
CA LYS B 269 -13.21 2.55 24.83
C LYS B 269 -11.91 2.98 25.53
N ASP B 270 -10.98 3.58 24.78
CA ASP B 270 -9.62 3.94 25.31
C ASP B 270 -9.37 5.40 25.73
N PHE B 271 -10.33 6.29 25.49
CA PHE B 271 -10.12 7.70 25.79
C PHE B 271 -11.47 8.43 25.79
N GLU B 272 -11.48 9.66 26.29
CA GLU B 272 -12.65 10.51 26.15
C GLU B 272 -12.22 11.88 25.68
N ILE B 273 -13.08 12.52 24.90
CA ILE B 273 -12.77 13.86 24.39
C ILE B 273 -13.98 14.75 24.59
N GLU B 274 -13.74 16.02 24.86
CA GLU B 274 -14.81 16.98 24.97
C GLU B 274 -14.93 17.71 23.61
N THR B 275 -16.11 17.71 23.00
CA THR B 275 -16.28 18.35 21.68
C THR B 275 -17.42 19.33 21.74
N PRO B 276 -17.37 20.45 21.00
CA PRO B 276 -16.27 20.80 20.13
C PRO B 276 -15.12 21.41 20.92
N ASP B 277 -13.91 21.36 20.36
CA ASP B 277 -12.81 22.10 20.92
C ASP B 277 -12.53 23.31 20.01
N LEU B 278 -12.88 24.52 20.46
CA LEU B 278 -12.68 25.70 19.63
C LEU B 278 -11.44 26.48 20.05
N THR B 279 -10.50 25.80 20.71
CA THR B 279 -9.19 26.41 21.03
C THR B 279 -8.59 26.96 19.72
N PRO B 280 -8.23 28.25 19.69
CA PRO B 280 -7.62 28.84 18.49
C PRO B 280 -6.34 28.08 18.10
N LYS B 281 -6.13 27.93 16.81
CA LYS B 281 -4.91 27.27 16.30
C LYS B 281 -3.79 28.30 16.19
N GLU B 282 -2.57 27.80 16.11
CA GLU B 282 -1.38 28.60 16.28
C GLU B 282 -0.40 28.46 15.12
N PHE B 283 0.20 29.58 14.76
CA PHE B 283 1.25 29.58 13.72
C PHE B 283 2.25 30.71 13.94
N GLU B 284 3.51 30.52 13.56
CA GLU B 284 4.46 31.62 13.69
C GLU B 284 5.16 31.85 12.36
N VAL B 285 5.38 33.12 12.04
CA VAL B 285 6.01 33.50 10.77
C VAL B 285 6.90 34.73 10.97
N GLU B 286 8.04 34.72 10.30
CA GLU B 286 8.91 35.88 10.27
C GLU B 286 8.31 36.88 9.32
N LEU B 287 8.13 38.12 9.76
CA LEU B 287 7.53 39.13 8.90
C LEU B 287 8.40 39.47 7.69
N ASP B 288 9.72 39.31 7.81
CA ASP B 288 10.57 39.42 6.61
C ASP B 288 10.12 38.52 5.46
N TYR B 289 9.64 37.34 5.81
CA TYR B 289 9.11 36.38 4.82
C TYR B 289 7.96 36.99 3.98
N ILE B 290 7.01 37.63 4.65
CA ILE B 290 5.90 38.30 4.02
C ILE B 290 6.38 39.38 3.01
N ARG B 291 7.29 40.24 3.46
CA ARG B 291 7.92 41.23 2.57
C ARG B 291 8.65 40.58 1.39
N LYS B 292 9.50 39.60 1.66
CA LYS B 292 10.34 38.96 0.63
C LYS B 292 9.46 38.43 -0.52
N LEU B 293 8.49 37.60 -0.16
CA LEU B 293 7.68 36.85 -1.13
C LEU B 293 6.59 37.72 -1.77
N SER B 294 6.04 38.68 -1.03
CA SER B 294 5.02 39.59 -1.60
C SER B 294 5.63 40.59 -2.58
N GLY B 295 6.88 40.96 -2.30
CA GLY B 295 7.57 42.02 -3.01
C GLY B 295 7.15 43.39 -2.53
N LEU B 296 6.36 43.43 -1.46
CA LEU B 296 5.92 44.68 -0.87
C LEU B 296 6.83 44.99 0.32
N GLU B 297 7.01 46.29 0.61
CA GLU B 297 7.81 46.66 1.78
C GLU B 297 6.95 47.12 2.95
N LEU B 298 5.80 46.45 3.12
CA LEU B 298 4.89 46.66 4.25
C LEU B 298 5.65 46.50 5.57
N ASN B 299 5.50 47.46 6.46
CA ASN B 299 6.18 47.33 7.75
C ASN B 299 5.38 46.37 8.66
N ASP B 300 5.95 46.00 9.80
CA ASP B 300 5.38 44.98 10.68
C ASP B 300 3.95 45.29 11.08
N GLY B 301 3.70 46.53 11.52
CA GLY B 301 2.37 46.98 11.91
C GLY B 301 1.36 46.97 10.77
N GLU B 302 1.81 47.29 9.55
CA GLU B 302 0.89 47.25 8.41
C GLU B 302 0.45 45.79 8.16
N ILE B 303 1.39 44.86 8.29
CA ILE B 303 1.09 43.41 8.10
C ILE B 303 0.17 42.90 9.20
N LYS B 304 0.42 43.35 10.42
CA LYS B 304 -0.48 43.05 11.54
C LYS B 304 -1.93 43.50 11.26
N GLU B 305 -2.12 44.74 10.79
CA GLU B 305 -3.43 45.26 10.37
C GLU B 305 -4.10 44.32 9.36
N LEU B 306 -3.34 43.92 8.35
CA LEU B 306 -3.88 43.09 7.26
C LEU B 306 -4.32 41.72 7.78
N LEU B 307 -3.47 41.12 8.62
CA LEU B 307 -3.81 39.80 9.19
C LEU B 307 -5.00 39.85 10.14
N GLU B 308 -5.16 40.98 10.85
CA GLU B 308 -6.33 41.10 11.71
C GLU B 308 -7.68 41.15 10.95
N LYS B 309 -7.67 41.62 9.70
CA LYS B 309 -8.86 41.54 8.80
C LYS B 309 -9.12 40.17 8.22
N MSE B 310 -8.16 39.27 8.39
CA MSE B 310 -8.26 37.89 7.96
C MSE B 310 -8.54 36.95 9.13
O MSE B 310 -8.41 35.74 8.98
CB MSE B 310 -6.99 37.48 7.23
CG MSE B 310 -6.72 38.28 5.98
SE MSE B 310 -8.29 38.23 4.68
CE MSE B 310 -8.05 36.41 4.05
N MSE B 311 -8.94 37.53 10.28
CA MSE B 311 -9.40 36.85 11.50
C MSE B 311 -8.31 36.20 12.35
O MSE B 311 -8.57 35.25 13.15
CB MSE B 311 -10.51 35.83 11.20
CG MSE B 311 -11.64 36.42 10.38
SE MSE B 311 -13.09 35.17 10.14
CE MSE B 311 -12.21 33.81 9.12
N TYR B 312 -7.09 36.74 12.23
CA TYR B 312 -5.97 36.24 13.04
C TYR B 312 -5.80 37.13 14.25
N GLU B 313 -5.34 36.53 15.34
CA GLU B 313 -4.75 37.32 16.40
C GLU B 313 -3.27 37.39 16.10
N VAL B 314 -2.68 38.57 16.29
CA VAL B 314 -1.31 38.78 15.89
C VAL B 314 -0.47 39.36 17.02
N GLU B 315 0.53 38.62 17.46
CA GLU B 315 1.42 39.18 18.49
C GLU B 315 2.82 39.23 17.92
N ILE B 316 3.35 40.44 17.75
CA ILE B 316 4.69 40.60 17.18
C ILE B 316 5.74 40.90 18.24
N SER B 317 6.83 40.15 18.23
CA SER B 317 8.03 40.49 19.00
C SER B 317 9.26 40.42 18.12
N ARG B 318 9.97 41.56 18.02
CA ARG B 318 11.22 41.67 17.27
C ARG B 318 11.11 41.03 15.87
N GLY B 319 10.06 41.42 15.15
CA GLY B 319 9.89 41.03 13.74
C GLY B 319 9.28 39.66 13.47
N ARG B 320 8.88 38.95 14.54
CA ARG B 320 8.27 37.62 14.41
C ARG B 320 6.84 37.63 14.96
N ALA B 321 5.91 37.16 14.13
CA ALA B 321 4.48 37.16 14.40
C ALA B 321 4.08 35.82 14.98
N LYS B 322 3.53 35.85 16.18
CA LYS B 322 2.90 34.67 16.78
C LYS B 322 1.44 34.82 16.51
N LEU B 323 0.91 33.90 15.73
CA LEU B 323 -0.47 34.06 15.24
C LEU B 323 -1.36 33.04 15.88
N LYS B 324 -2.61 33.44 16.09
CA LYS B 324 -3.70 32.51 16.37
C LYS B 324 -4.77 32.68 15.30
N TYR B 325 -5.41 31.59 14.94
CA TYR B 325 -6.53 31.68 14.01
C TYR B 325 -7.68 30.73 14.42
N PRO B 326 -8.88 30.93 13.85
CA PRO B 326 -10.07 30.19 14.29
C PRO B 326 -9.99 28.70 14.05
N ALA B 327 -10.54 27.93 14.98
CA ALA B 327 -10.46 26.46 14.91
C ALA B 327 -11.38 25.88 13.83
N PHE B 328 -12.22 26.72 13.24
CA PHE B 328 -12.99 26.38 12.02
C PHE B 328 -12.16 26.30 10.72
N ARG B 329 -10.85 26.59 10.80
CA ARG B 329 -9.93 26.47 9.67
C ARG B 329 -8.95 25.33 9.86
N ASP B 330 -8.68 24.56 8.81
CA ASP B 330 -7.56 23.57 8.87
C ASP B 330 -6.70 23.62 7.61
N ASP B 331 -6.84 24.70 6.85
CA ASP B 331 -6.18 24.82 5.55
C ASP B 331 -4.71 25.32 5.66
N ILE B 332 -4.32 25.88 6.80
CA ILE B 332 -3.02 26.55 6.97
C ILE B 332 -1.97 25.49 7.30
N MSE B 333 -0.97 25.35 6.44
CA MSE B 333 0.06 24.33 6.64
C MSE B 333 1.45 24.93 6.48
O MSE B 333 2.38 24.49 7.14
CB MSE B 333 -0.08 23.16 5.65
CG MSE B 333 -1.43 22.44 5.52
CG MSE B 333 -1.32 22.24 5.95
SE MSE B 333 -1.25 21.00 4.18
SE MSE B 333 -1.62 21.73 7.87
CE MSE B 333 -3.15 20.83 3.68
CE MSE B 333 -3.48 21.05 7.74
N HIS B 334 1.60 25.92 5.59
CA HIS B 334 2.92 26.53 5.33
C HIS B 334 2.91 28.04 5.45
N ALA B 335 4.10 28.63 5.55
CA ALA B 335 4.24 30.09 5.61
C ALA B 335 3.56 30.78 4.43
N ARG B 336 3.60 30.14 3.26
CA ARG B 336 2.97 30.74 2.08
C ARG B 336 1.45 30.87 2.23
N ASP B 337 0.84 30.06 3.10
CA ASP B 337 -0.60 30.24 3.35
C ASP B 337 -0.89 31.55 4.09
N ILE B 338 0.02 31.97 4.98
CA ILE B 338 -0.11 33.26 5.70
C ILE B 338 0.05 34.39 4.69
N LEU B 339 1.09 34.27 3.85
CA LEU B 339 1.34 35.20 2.74
C LEU B 339 0.09 35.35 1.88
N GLU B 340 -0.54 34.25 1.52
CA GLU B 340 -1.72 34.30 0.64
C GLU B 340 -2.81 35.16 1.30
N ASP B 341 -3.02 34.97 2.61
CA ASP B 341 -3.98 35.78 3.33
C ASP B 341 -3.62 37.26 3.38
N VAL B 342 -2.32 37.57 3.51
CA VAL B 342 -1.84 38.98 3.48
C VAL B 342 -2.20 39.62 2.11
N LEU B 343 -1.89 38.91 1.04
CA LEU B 343 -2.21 39.36 -0.33
C LEU B 343 -3.73 39.60 -0.51
N ILE B 344 -4.57 38.65 -0.10
CA ILE B 344 -6.03 38.86 -0.08
C ILE B 344 -6.43 40.15 0.65
N ALA B 345 -5.95 40.29 1.89
CA ALA B 345 -6.34 41.42 2.73
C ALA B 345 -5.86 42.74 2.12
N TYR B 346 -4.70 42.72 1.46
CA TYR B 346 -4.17 43.89 0.77
C TYR B 346 -5.17 44.38 -0.30
N GLY B 347 -5.99 43.45 -0.82
CA GLY B 347 -7.04 43.74 -1.80
C GLY B 347 -8.24 44.47 -1.24
N TYR B 348 -8.52 44.28 0.04
CA TYR B 348 -9.64 44.95 0.69
C TYR B 348 -9.42 46.47 0.73
N PRO C 2 -6.56 12.42 -12.87
CA PRO C 2 -7.58 11.43 -13.20
C PRO C 2 -7.87 10.50 -12.01
N LYS C 3 -8.98 9.77 -12.10
CA LYS C 3 -9.33 8.80 -11.12
C LYS C 3 -9.00 7.45 -11.69
N PHE C 4 -8.57 6.53 -10.85
CA PHE C 4 -8.26 5.18 -11.28
C PHE C 4 -8.52 4.20 -10.13
N ASP C 5 -8.83 2.95 -10.44
CA ASP C 5 -9.12 1.96 -9.40
C ASP C 5 -7.92 1.10 -9.12
N VAL C 6 -7.82 0.65 -7.87
CA VAL C 6 -6.71 -0.19 -7.48
C VAL C 6 -7.25 -1.19 -6.48
N SER C 7 -6.55 -2.31 -6.33
CA SER C 7 -6.89 -3.29 -5.34
C SER C 7 -6.03 -3.09 -4.07
N LYS C 8 -6.66 -3.16 -2.92
CA LYS C 8 -5.97 -2.98 -1.63
C LYS C 8 -4.86 -4.06 -1.44
N SER C 9 -5.20 -5.31 -1.74
CA SER C 9 -4.23 -6.41 -1.56
C SER C 9 -3.06 -6.28 -2.53
N ASP C 10 -3.34 -5.78 -3.72
CA ASP C 10 -2.29 -5.51 -4.70
C ASP C 10 -1.31 -4.43 -4.21
N LEU C 11 -1.85 -3.29 -3.78
CA LEU C 11 -1.02 -2.25 -3.17
C LEU C 11 -0.18 -2.81 -2.02
N GLU C 12 -0.81 -3.59 -1.15
CA GLU C 12 -0.10 -4.13 0.00
C GLU C 12 1.02 -5.13 -0.37
N ARG C 13 0.78 -5.98 -1.36
CA ARG C 13 1.86 -6.87 -1.81
C ARG C 13 3.08 -6.09 -2.38
N LEU C 14 2.82 -5.00 -3.11
CA LEU C 14 3.86 -4.11 -3.64
C LEU C 14 4.59 -3.32 -2.57
N ILE C 15 3.87 -2.74 -1.61
CA ILE C 15 4.54 -2.01 -0.54
C ILE C 15 5.23 -3.02 0.40
N GLY C 16 4.63 -4.19 0.58
CA GLY C 16 5.22 -5.23 1.45
C GLY C 16 4.57 -5.42 2.81
N ARG C 17 3.62 -4.54 3.17
CA ARG C 17 2.94 -4.67 4.45
C ARG C 17 1.50 -4.19 4.33
N SER C 18 0.68 -4.47 5.34
CA SER C 18 -0.71 -4.18 5.20
C SER C 18 -1.06 -3.03 6.17
N PHE C 19 -2.19 -2.40 5.90
CA PHE C 19 -2.63 -1.22 6.67
C PHE C 19 -4.13 -1.29 6.86
N SER C 20 -4.62 -0.67 7.93
CA SER C 20 -6.06 -0.56 8.11
C SER C 20 -6.60 0.51 7.13
N ILE C 21 -7.91 0.46 6.88
CA ILE C 21 -8.56 1.49 6.09
C ILE C 21 -8.34 2.87 6.71
N GLU C 22 -8.40 2.95 8.03
CA GLU C 22 -8.13 4.20 8.75
C GLU C 22 -6.72 4.70 8.43
N GLU C 23 -5.73 3.81 8.43
CA GLU C 23 -4.38 4.19 7.99
C GLU C 23 -4.26 4.53 6.52
N TRP C 24 -5.01 3.84 5.65
CA TRP C 24 -5.02 4.13 4.22
C TRP C 24 -5.50 5.53 3.89
N GLU C 25 -6.32 6.09 4.74
CA GLU C 25 -6.65 7.55 4.70
C GLU C 25 -5.44 8.46 4.61
N ASP C 26 -4.44 8.19 5.43
CA ASP C 26 -3.24 9.00 5.44
C ASP C 26 -2.29 8.64 4.29
N LEU C 27 -2.15 7.33 4.04
CA LEU C 27 -1.20 6.83 3.04
C LEU C 27 -1.42 7.35 1.61
N VAL C 28 -2.67 7.43 1.17
CA VAL C 28 -2.96 7.91 -0.20
C VAL C 28 -2.45 9.33 -0.39
N LEU C 29 -2.38 10.08 0.70
CA LEU C 29 -1.91 11.48 0.62
C LEU C 29 -0.42 11.52 0.24
N TYR C 30 0.32 10.49 0.66
CA TYR C 30 1.72 10.35 0.31
C TYR C 30 1.95 10.13 -1.17
N ALA C 31 0.95 9.57 -1.86
CA ALA C 31 1.04 9.30 -3.28
C ALA C 31 0.35 10.42 -4.07
N LYS C 32 0.06 11.54 -3.39
CA LYS C 32 -0.62 12.70 -4.01
C LYS C 32 -1.98 12.35 -4.57
N CYS C 33 -2.68 11.50 -3.83
CA CYS C 33 -3.99 11.01 -4.24
C CYS C 33 -4.98 11.30 -3.11
N GLU C 34 -6.25 11.38 -3.47
CA GLU C 34 -7.32 11.30 -2.48
C GLU C 34 -8.07 9.97 -2.64
N LEU C 35 -8.64 9.49 -1.53
CA LEU C 35 -9.40 8.25 -1.56
C LEU C 35 -10.80 8.58 -1.97
N ASP C 36 -11.14 8.32 -3.22
CA ASP C 36 -12.38 8.83 -3.75
C ASP C 36 -13.51 7.92 -3.34
N ASP C 37 -13.22 6.62 -3.29
CA ASP C 37 -14.21 5.63 -2.90
C ASP C 37 -13.55 4.35 -2.37
N VAL C 38 -14.30 3.62 -1.57
CA VAL C 38 -13.89 2.31 -1.07
C VAL C 38 -15.08 1.41 -1.16
N TRP C 39 -14.88 0.24 -1.77
CA TRP C 39 -15.93 -0.73 -1.85
C TRP C 39 -15.31 -2.11 -1.88
N GLU C 40 -16.15 -3.11 -1.79
CA GLU C 40 -15.75 -4.50 -1.79
C GLU C 40 -16.50 -5.21 -2.92
N GLU C 41 -15.85 -6.22 -3.51
CA GLU C 41 -16.42 -6.94 -4.61
C GLU C 41 -15.88 -8.35 -4.53
N ASN C 42 -16.77 -9.32 -4.38
CA ASN C 42 -16.35 -10.72 -4.25
C ASN C 42 -15.37 -10.85 -3.09
N GLY C 43 -15.70 -10.20 -1.96
CA GLY C 43 -14.84 -10.11 -0.79
C GLY C 43 -13.47 -9.43 -0.93
N LYS C 44 -13.12 -8.88 -2.09
CA LYS C 44 -11.87 -8.09 -2.24
C LYS C 44 -12.12 -6.57 -2.12
N VAL C 45 -11.25 -5.88 -1.41
CA VAL C 45 -11.42 -4.43 -1.23
C VAL C 45 -10.74 -3.65 -2.38
N TYR C 46 -11.48 -2.71 -2.97
CA TYR C 46 -10.96 -1.80 -3.98
C TYR C 46 -11.05 -0.37 -3.57
N PHE C 47 -10.14 0.44 -4.11
CA PHE C 47 -10.11 1.87 -3.87
C PHE C 47 -10.30 2.50 -5.23
N LYS C 48 -11.06 3.59 -5.28
CA LYS C 48 -10.92 4.53 -6.38
C LYS C 48 -10.09 5.73 -5.90
N LEU C 49 -8.97 5.97 -6.56
CA LEU C 49 -8.05 7.01 -6.13
C LEU C 49 -8.19 8.16 -7.10
N ASP C 50 -8.05 9.37 -6.59
CA ASP C 50 -8.16 10.55 -7.43
C ASP C 50 -6.81 11.29 -7.40
N SER C 51 -6.11 11.26 -8.54
CA SER C 51 -4.88 12.04 -8.71
C SER C 51 -5.15 13.41 -9.32
N LYS C 52 -4.88 14.43 -8.53
CA LYS C 52 -4.97 15.84 -8.92
C LYS C 52 -3.85 16.22 -9.94
N ASP C 53 -2.65 15.74 -9.67
CA ASP C 53 -1.45 16.01 -10.49
C ASP C 53 -1.61 15.45 -11.92
N THR C 54 -2.21 16.27 -12.78
CA THR C 54 -2.34 16.11 -14.24
C THR C 54 -1.10 15.78 -15.05
N ASN C 55 0.05 16.17 -14.54
CA ASN C 55 1.27 15.99 -15.31
C ASN C 55 2.22 15.00 -14.62
N ARG C 56 1.66 14.13 -13.78
CA ARG C 56 2.45 13.03 -13.22
C ARG C 56 1.79 11.65 -13.53
N PRO C 57 1.83 11.23 -14.81
CA PRO C 57 1.31 9.92 -15.19
C PRO C 57 1.94 8.77 -14.39
N ASP C 58 3.15 8.96 -13.86
CA ASP C 58 3.79 7.90 -13.01
C ASP C 58 2.91 7.49 -11.80
N LEU C 59 2.07 8.45 -11.37
CA LEU C 59 1.28 8.32 -10.15
C LEU C 59 -0.07 7.66 -10.41
N TRP C 60 -0.37 7.32 -11.66
CA TRP C 60 -1.73 6.83 -11.99
C TRP C 60 -1.90 5.32 -12.05
N SER C 61 -1.21 4.56 -11.22
CA SER C 61 -1.41 3.10 -11.16
C SER C 61 -0.97 2.64 -9.79
N ALA C 62 -1.27 1.39 -9.48
CA ALA C 62 -0.96 0.79 -8.18
C ALA C 62 0.54 0.80 -7.96
N GLU C 63 1.29 0.47 -9.03
CA GLU C 63 2.74 0.50 -9.00
C GLU C 63 3.33 1.83 -8.55
N GLY C 64 2.86 2.91 -9.14
CA GLY C 64 3.38 4.24 -8.82
C GLY C 64 2.97 4.71 -7.45
N VAL C 65 1.73 4.36 -7.07
CA VAL C 65 1.17 4.67 -5.76
C VAL C 65 1.97 3.93 -4.67
N ALA C 66 2.19 2.63 -4.88
CA ALA C 66 2.99 1.86 -3.92
C ALA C 66 4.42 2.39 -3.81
N ARG C 67 4.99 2.82 -4.92
CA ARG C 67 6.37 3.27 -4.94
C ARG C 67 6.47 4.54 -4.10
N GLN C 68 5.53 5.46 -4.32
CA GLN C 68 5.55 6.73 -3.59
C GLN C 68 5.40 6.45 -2.09
N ILE C 69 4.51 5.52 -1.74
CA ILE C 69 4.28 5.19 -0.32
C ILE C 69 5.49 4.51 0.29
N LYS C 70 6.12 3.55 -0.41
CA LYS C 70 7.41 2.99 0.06
C LYS C 70 8.45 4.07 0.43
N TRP C 71 8.58 5.08 -0.43
CA TRP C 71 9.56 6.12 -0.18
C TRP C 71 9.12 6.95 1.03
N ALA C 72 7.83 7.31 1.10
CA ALA C 72 7.30 8.10 2.23
C ALA C 72 7.47 7.38 3.57
N LEU C 73 7.42 6.04 3.55
CA LEU C 73 7.60 5.24 4.78
C LEU C 73 9.06 4.88 5.05
N GLY C 74 9.96 5.29 4.15
CA GLY C 74 11.38 4.98 4.29
C GLY C 74 11.73 3.53 4.01
N ILE C 75 10.81 2.77 3.40
CA ILE C 75 11.14 1.42 2.97
C ILE C 75 12.25 1.44 1.90
N GLU C 76 12.27 2.50 1.08
CA GLU C 76 13.39 2.79 0.16
C GLU C 76 13.67 4.30 0.29
N LYS C 77 14.82 4.75 -0.20
CA LYS C 77 15.18 6.17 -0.18
C LYS C 77 16.12 6.51 -1.29
N GLY C 78 16.14 7.78 -1.68
CA GLY C 78 16.99 8.22 -2.78
C GLY C 78 16.45 7.82 -4.13
N LEU C 79 17.34 7.77 -5.10
CA LEU C 79 16.91 7.57 -6.47
C LEU C 79 16.58 6.08 -6.74
N PRO C 80 15.39 5.76 -7.28
CA PRO C 80 15.13 4.38 -7.67
C PRO C 80 16.02 4.07 -8.85
N LYS C 81 16.62 2.88 -8.88
CA LYS C 81 17.58 2.58 -9.95
C LYS C 81 16.95 1.57 -10.91
N TYR C 82 17.14 1.78 -12.20
CA TYR C 82 16.56 0.90 -13.21
C TYR C 82 17.66 0.40 -14.09
N GLU C 83 17.77 -0.92 -14.17
CA GLU C 83 18.67 -1.51 -15.13
C GLU C 83 17.95 -1.74 -16.45
N VAL C 84 18.56 -1.28 -17.54
CA VAL C 84 18.10 -1.58 -18.91
C VAL C 84 19.20 -2.31 -19.67
N LYS C 85 18.90 -3.49 -20.18
CA LYS C 85 19.84 -4.22 -21.03
C LYS C 85 19.32 -4.25 -22.47
N LYS C 86 20.22 -4.33 -23.44
CA LYS C 86 19.86 -4.33 -24.85
C LYS C 86 19.20 -5.62 -25.17
N SER C 87 18.06 -5.55 -25.86
CA SER C 87 17.50 -6.74 -26.50
C SER C 87 18.20 -6.86 -27.86
N ASN C 88 17.84 -7.88 -28.63
CA ASN C 88 18.38 -8.00 -30.01
C ASN C 88 17.34 -7.53 -31.03
N VAL C 89 16.36 -6.75 -30.57
CA VAL C 89 15.28 -6.23 -31.40
C VAL C 89 15.51 -4.83 -32.00
N THR C 90 15.12 -4.70 -33.27
CA THR C 90 15.13 -3.42 -34.02
C THR C 90 13.72 -3.10 -34.56
N VAL C 91 13.35 -1.82 -34.50
CA VAL C 91 12.08 -1.34 -35.03
C VAL C 91 12.38 -0.21 -36.02
N TYR C 92 11.79 -0.32 -37.20
CA TYR C 92 11.98 0.67 -38.27
C TYR C 92 10.81 1.64 -38.33
N VAL C 93 11.07 2.92 -38.15
CA VAL C 93 9.99 3.94 -38.23
C VAL C 93 10.07 4.68 -39.59
N ASP C 94 9.03 4.45 -40.38
CA ASP C 94 8.87 4.89 -41.77
C ASP C 94 8.68 6.42 -41.85
N GLU C 95 9.55 7.08 -42.62
CA GLU C 95 9.52 8.52 -42.87
C GLU C 95 8.18 9.00 -43.43
N LYS C 96 7.48 8.14 -44.13
CA LYS C 96 6.20 8.51 -44.73
C LYS C 96 5.12 8.78 -43.67
N LEU C 97 5.40 8.43 -42.41
CA LEU C 97 4.48 8.74 -41.30
C LEU C 97 4.71 10.14 -40.72
N LYS C 98 5.69 10.86 -41.26
CA LYS C 98 6.11 12.15 -40.70
C LYS C 98 4.92 13.09 -40.42
N ASP C 99 3.94 13.16 -41.34
CA ASP C 99 2.81 14.10 -41.18
C ASP C 99 1.49 13.34 -41.01
N ILE C 100 1.62 12.12 -40.45
CA ILE C 100 0.48 11.29 -40.14
C ILE C 100 0.46 10.89 -38.65
N ARG C 101 1.56 10.29 -38.19
CA ARG C 101 1.75 9.98 -36.75
C ARG C 101 3.22 9.64 -36.59
N PRO C 102 4.05 10.68 -36.44
CA PRO C 102 5.48 10.57 -36.79
C PRO C 102 6.41 9.76 -35.87
N TYR C 103 6.10 9.68 -34.58
CA TYR C 103 7.01 9.05 -33.63
C TYR C 103 6.49 7.75 -33.09
N GLY C 104 7.39 6.77 -33.06
CA GLY C 104 7.19 5.53 -32.32
C GLY C 104 8.41 5.27 -31.40
N VAL C 105 8.15 4.79 -30.19
CA VAL C 105 9.22 4.37 -29.27
C VAL C 105 8.77 3.05 -28.67
N TYR C 106 9.72 2.25 -28.15
CA TYR C 106 9.46 0.82 -27.92
C TYR C 106 10.27 0.26 -26.76
N ALA C 107 9.73 -0.76 -26.11
CA ALA C 107 10.47 -1.46 -25.08
C ALA C 107 10.07 -2.90 -25.04
N ILE C 108 10.92 -3.72 -24.44
CA ILE C 108 10.53 -5.10 -24.12
C ILE C 108 10.67 -5.23 -22.63
N VAL C 109 9.72 -5.89 -21.99
CA VAL C 109 9.83 -6.12 -20.56
C VAL C 109 9.63 -7.60 -20.36
N GLU C 110 10.68 -8.26 -19.83
CA GLU C 110 10.70 -9.72 -19.68
C GLU C 110 10.51 -10.23 -18.25
N GLY C 111 10.02 -11.46 -18.11
CA GLY C 111 10.05 -12.15 -16.82
C GLY C 111 8.88 -11.83 -15.92
N LEU C 112 7.77 -11.41 -16.52
CA LEU C 112 6.63 -11.05 -15.73
C LEU C 112 5.82 -12.27 -15.31
N ARG C 113 5.18 -12.16 -14.15
CA ARG C 113 4.17 -13.11 -13.69
C ARG C 113 2.84 -12.38 -13.48
N LEU C 114 2.02 -12.30 -14.52
CA LEU C 114 0.78 -11.54 -14.44
C LEU C 114 -0.36 -12.28 -13.75
N ASP C 115 -1.22 -11.52 -13.08
CA ASP C 115 -2.49 -12.02 -12.56
C ASP C 115 -3.54 -10.96 -12.84
N GLU C 116 -4.76 -11.17 -12.33
CA GLU C 116 -5.89 -10.28 -12.64
C GLU C 116 -5.68 -8.82 -12.20
N ASP C 117 -5.07 -8.64 -11.03
CA ASP C 117 -4.68 -7.30 -10.55
C ASP C 117 -3.58 -6.65 -11.42
N SER C 118 -2.44 -7.32 -11.61
CA SER C 118 -1.33 -6.71 -12.38
C SER C 118 -1.67 -6.45 -13.86
N LEU C 119 -2.41 -7.37 -14.47
CA LEU C 119 -2.90 -7.21 -15.85
C LEU C 119 -3.88 -6.04 -15.96
N SER C 120 -4.83 -5.95 -15.04
CA SER C 120 -5.73 -4.83 -15.10
C SER C 120 -5.09 -3.45 -14.79
N GLN C 121 -4.06 -3.40 -13.95
CA GLN C 121 -3.33 -2.13 -13.70
C GLN C 121 -2.58 -1.70 -14.99
N MSE C 122 -1.95 -2.65 -15.66
CA MSE C 122 -1.23 -2.36 -16.90
C MSE C 122 -2.15 -1.79 -17.97
O MSE C 122 -1.82 -0.80 -18.62
CB MSE C 122 -0.50 -3.59 -17.42
CG MSE C 122 0.56 -3.29 -18.49
SE MSE C 122 1.21 -5.05 -19.25
CE MSE C 122 0.48 -6.12 -17.69
N ILE C 123 -3.33 -2.40 -18.13
CA ILE C 123 -4.32 -1.92 -19.11
C ILE C 123 -4.93 -0.57 -18.73
N GLN C 124 -5.23 -0.41 -17.43
CA GLN C 124 -5.77 0.83 -16.95
C GLN C 124 -4.77 1.97 -17.13
N LEU C 125 -3.48 1.70 -16.88
CA LEU C 125 -2.44 2.74 -16.99
C LEU C 125 -2.27 3.16 -18.46
N GLN C 126 -2.17 2.14 -19.32
CA GLN C 126 -2.26 2.36 -20.75
C GLN C 126 -3.43 3.29 -21.13
N GLU C 127 -4.62 3.06 -20.56
CA GLU C 127 -5.79 3.88 -20.88
C GLU C 127 -5.69 5.28 -20.30
N LYS C 128 -5.31 5.36 -19.02
CA LYS C 128 -5.26 6.64 -18.31
C LYS C 128 -4.22 7.54 -18.92
N ILE C 129 -3.06 6.98 -19.23
CA ILE C 129 -2.02 7.78 -19.87
C ILE C 129 -2.54 8.34 -21.21
N ALA C 130 -3.15 7.46 -22.03
CA ALA C 130 -3.60 7.87 -23.37
C ALA C 130 -4.71 8.91 -23.28
N LEU C 131 -5.58 8.78 -22.28
CA LEU C 131 -6.73 9.68 -22.14
C LEU C 131 -6.30 11.07 -21.74
N THR C 132 -5.63 11.17 -20.60
CA THR C 132 -5.29 12.47 -19.99
C THR C 132 -4.01 13.06 -20.57
N PHE C 133 -2.89 12.38 -20.35
CA PHE C 133 -1.56 12.85 -20.79
C PHE C 133 -1.53 12.85 -22.31
N GLY C 134 -2.25 11.90 -22.90
CA GLY C 134 -2.22 11.66 -24.33
C GLY C 134 -3.31 12.41 -25.12
N ARG C 135 -4.18 13.14 -24.42
CA ARG C 135 -5.25 13.90 -25.08
C ARG C 135 -6.09 13.00 -26.01
N ARG C 136 -6.73 12.01 -25.38
CA ARG C 136 -7.58 11.02 -26.04
C ARG C 136 -6.85 10.34 -27.19
N ARG C 137 -5.65 9.85 -26.88
CA ARG C 137 -4.78 9.10 -27.81
C ARG C 137 -4.04 9.91 -28.85
N ARG C 138 -4.51 11.11 -29.14
CA ARG C 138 -3.88 11.85 -30.24
C ARG C 138 -2.39 12.06 -30.03
N GLU C 139 -2.04 12.50 -28.83
CA GLU C 139 -0.66 12.85 -28.46
C GLU C 139 0.15 11.60 -28.04
N VAL C 140 -0.51 10.69 -27.33
CA VAL C 140 0.19 9.52 -26.82
C VAL C 140 -0.80 8.37 -26.96
N ALA C 141 -0.40 7.32 -27.70
CA ALA C 141 -1.18 6.09 -27.76
C ALA C 141 -0.28 4.91 -27.44
N ILE C 142 -0.76 3.99 -26.62
CA ILE C 142 0.07 2.86 -26.16
C ILE C 142 -0.48 1.49 -26.58
N GLY C 143 0.39 0.66 -27.16
CA GLY C 143 0.03 -0.74 -27.37
C GLY C 143 0.87 -1.64 -26.49
N ILE C 144 0.31 -2.77 -26.09
CA ILE C 144 1.04 -3.82 -25.40
C ILE C 144 0.75 -5.16 -26.05
N PHE C 145 1.80 -5.96 -26.25
CA PHE C 145 1.72 -7.25 -26.95
C PHE C 145 2.54 -8.33 -26.23
N ASP C 146 2.03 -9.56 -26.28
CA ASP C 146 2.88 -10.73 -25.99
C ASP C 146 3.98 -10.87 -27.02
N PHE C 147 5.20 -10.61 -26.59
CA PHE C 147 6.35 -10.63 -27.46
C PHE C 147 6.71 -12.03 -27.97
N ASP C 148 6.36 -13.07 -27.21
CA ASP C 148 6.70 -14.44 -27.60
C ASP C 148 6.01 -14.80 -28.92
N LYS C 149 4.91 -14.08 -29.17
CA LYS C 149 3.96 -14.35 -30.23
C LYS C 149 4.19 -13.49 -31.50
N ILE C 150 5.26 -12.70 -31.55
CA ILE C 150 5.59 -11.84 -32.70
C ILE C 150 7.01 -12.13 -33.21
N LYS C 151 7.33 -11.74 -34.45
CA LYS C 151 8.64 -12.06 -35.07
C LYS C 151 9.43 -10.88 -35.64
N PRO C 152 10.43 -10.41 -34.88
CA PRO C 152 11.21 -9.22 -35.22
C PRO C 152 12.11 -9.41 -36.46
N PRO C 153 12.58 -8.32 -37.09
CA PRO C 153 12.30 -6.93 -36.68
C PRO C 153 10.85 -6.45 -36.88
N ILE C 154 10.55 -5.29 -36.32
CA ILE C 154 9.20 -4.76 -36.34
C ILE C 154 9.18 -3.48 -37.19
N TYR C 155 8.05 -3.22 -37.84
CA TYR C 155 7.98 -2.03 -38.72
C TYR C 155 6.78 -1.21 -38.32
N TYR C 156 7.01 0.06 -38.05
CA TYR C 156 5.94 1.03 -37.82
C TYR C 156 5.93 1.88 -39.11
N LYS C 157 4.93 1.68 -39.94
CA LYS C 157 4.96 2.15 -41.34
C LYS C 157 3.67 2.75 -41.84
N ALA C 158 3.77 3.49 -42.94
CA ALA C 158 2.58 4.05 -43.60
C ALA C 158 2.07 2.93 -44.50
N ALA C 159 0.83 2.48 -44.28
CA ALA C 159 0.26 1.34 -45.03
C ALA C 159 -0.89 1.79 -45.93
N GLU C 160 -1.01 1.15 -47.10
CA GLU C 160 -2.20 1.33 -47.95
C GLU C 160 -3.47 1.04 -47.15
N LYS C 161 -4.55 1.76 -47.45
CA LYS C 161 -5.84 1.61 -46.76
C LYS C 161 -6.55 0.27 -47.04
N THR C 162 -6.07 -0.45 -48.06
CA THR C 162 -6.64 -1.75 -48.48
C THR C 162 -5.89 -2.92 -47.82
N GLU C 163 -4.80 -2.61 -47.10
CA GLU C 163 -4.12 -3.65 -46.32
C GLU C 163 -5.10 -4.25 -45.29
N LYS C 164 -4.86 -5.48 -44.84
CA LYS C 164 -5.91 -6.18 -44.08
C LYS C 164 -5.42 -6.83 -42.78
N PHE C 165 -6.31 -6.85 -41.78
CA PHE C 165 -6.14 -7.66 -40.54
C PHE C 165 -7.45 -7.85 -39.77
N ALA C 166 -7.50 -8.84 -38.89
CA ALA C 166 -8.66 -8.96 -37.98
C ALA C 166 -8.45 -8.04 -36.75
N PRO C 167 -9.32 -7.04 -36.55
CA PRO C 167 -9.23 -6.17 -35.36
C PRO C 167 -9.91 -6.83 -34.17
N LEU C 168 -9.53 -6.41 -32.97
CA LEU C 168 -10.07 -6.93 -31.73
C LEU C 168 -11.59 -7.05 -31.79
N GLY C 169 -12.11 -8.23 -31.49
CA GLY C 169 -13.55 -8.41 -31.46
C GLY C 169 -14.13 -9.09 -32.69
N TYR C 170 -13.32 -9.15 -33.74
CA TYR C 170 -13.71 -9.74 -35.01
C TYR C 170 -12.89 -10.98 -35.35
N LYS C 171 -13.54 -12.00 -35.90
CA LYS C 171 -12.82 -13.22 -36.31
C LYS C 171 -12.22 -13.09 -37.71
N GLU C 172 -12.85 -12.28 -38.54
CA GLU C 172 -12.48 -12.16 -39.95
C GLU C 172 -11.68 -10.90 -40.23
N GLU C 173 -10.75 -11.00 -41.18
CA GLU C 173 -9.97 -9.84 -41.62
C GLU C 173 -10.84 -8.77 -42.29
N MSE C 174 -10.35 -7.53 -42.26
CA MSE C 174 -11.02 -6.38 -42.88
C MSE C 174 -9.95 -5.43 -43.33
O MSE C 174 -8.87 -5.39 -42.75
CB MSE C 174 -11.92 -5.66 -41.88
CG MSE C 174 -13.25 -6.33 -41.61
SE MSE C 174 -14.06 -5.54 -40.01
CE MSE C 174 -15.96 -5.92 -40.41
N THR C 175 -10.22 -4.66 -44.38
CA THR C 175 -9.28 -3.61 -44.81
C THR C 175 -9.17 -2.55 -43.72
N LEU C 176 -8.05 -1.84 -43.71
CA LEU C 176 -7.88 -0.70 -42.77
C LEU C 176 -9.09 0.26 -42.86
N GLU C 177 -9.54 0.51 -44.09
CA GLU C 177 -10.67 1.40 -44.33
C GLU C 177 -11.93 0.91 -43.65
N GLU C 178 -12.23 -0.39 -43.82
CA GLU C 178 -13.38 -1.05 -43.18
C GLU C 178 -13.34 -0.99 -41.66
N ILE C 179 -12.14 -1.15 -41.10
CA ILE C 179 -11.95 -1.11 -39.64
C ILE C 179 -12.35 0.26 -39.12
N LEU C 180 -11.91 1.31 -39.83
CA LEU C 180 -12.23 2.66 -39.44
C LEU C 180 -13.72 2.93 -39.41
N GLU C 181 -14.47 2.29 -40.33
CA GLU C 181 -15.92 2.48 -40.43
C GLU C 181 -16.68 1.67 -39.38
N LYS C 182 -16.35 0.38 -39.31
CA LYS C 182 -17.14 -0.63 -38.58
C LYS C 182 -16.69 -0.89 -37.13
N HIS C 183 -15.40 -0.76 -36.84
CA HIS C 183 -14.96 -0.96 -35.46
C HIS C 183 -15.31 0.27 -34.62
N GLU C 184 -15.77 0.04 -33.40
CA GLU C 184 -16.10 1.10 -32.47
C GLU C 184 -14.98 2.11 -32.23
N LYS C 185 -13.75 1.62 -32.13
CA LYS C 185 -12.55 2.50 -31.99
C LYS C 185 -12.16 3.17 -33.32
N GLY C 186 -12.64 2.60 -34.43
CA GLY C 186 -12.46 3.18 -35.76
C GLY C 186 -13.29 4.45 -35.82
N ARG C 187 -14.52 4.37 -35.34
CA ARG C 187 -15.39 5.53 -35.27
C ARG C 187 -14.91 6.55 -34.24
N GLU C 188 -14.45 6.06 -33.09
CA GLU C 188 -14.08 6.93 -31.98
C GLU C 188 -12.80 7.70 -32.32
N TYR C 189 -11.81 7.02 -32.91
CA TYR C 189 -10.49 7.63 -33.14
C TYR C 189 -10.11 7.83 -34.59
N GLY C 190 -10.95 7.34 -35.51
CA GLY C 190 -10.64 7.42 -36.94
C GLY C 190 -10.28 8.79 -37.44
N HIS C 191 -10.92 9.84 -36.90
CA HIS C 191 -10.70 11.19 -37.44
C HIS C 191 -9.23 11.63 -37.34
N LEU C 192 -8.49 11.01 -36.41
CA LEU C 192 -7.05 11.32 -36.24
C LEU C 192 -6.19 10.99 -37.46
N ILE C 193 -6.68 10.07 -38.32
CA ILE C 193 -5.89 9.60 -39.47
C ILE C 193 -6.66 9.48 -40.81
N LYS C 194 -7.99 9.47 -40.75
CA LYS C 194 -8.83 9.06 -41.89
C LYS C 194 -8.62 9.91 -43.14
N ASP C 195 -8.24 11.16 -42.94
CA ASP C 195 -8.03 12.08 -44.06
C ASP C 195 -6.64 12.01 -44.65
N LYS C 196 -5.81 11.06 -44.21
CA LYS C 196 -4.47 10.94 -44.80
C LYS C 196 -4.45 9.90 -45.89
N GLN C 197 -3.44 9.96 -46.74
CA GLN C 197 -3.28 9.01 -47.85
C GLN C 197 -3.01 7.55 -47.38
N PHE C 198 -2.32 7.41 -46.25
CA PHE C 198 -1.95 6.10 -45.70
C PHE C 198 -2.25 6.08 -44.20
N TYR C 199 -2.46 4.88 -43.63
CA TYR C 199 -2.71 4.70 -42.19
C TYR C 199 -1.52 4.00 -41.48
N PRO C 200 -1.22 4.37 -40.23
CA PRO C 200 -0.10 3.73 -39.52
C PRO C 200 -0.40 2.26 -39.29
N LEU C 201 0.62 1.44 -39.48
CA LEU C 201 0.49 0.02 -39.19
C LEU C 201 1.73 -0.49 -38.45
N LEU C 202 1.52 -1.31 -37.43
CA LEU C 202 2.63 -1.94 -36.72
C LEU C 202 2.60 -3.42 -37.08
N ILE C 203 3.68 -3.91 -37.68
CA ILE C 203 3.69 -5.23 -38.33
C ILE C 203 5.06 -5.85 -38.18
N ASP C 204 5.12 -7.16 -37.98
CA ASP C 204 6.43 -7.81 -37.81
C ASP C 204 7.01 -8.37 -39.14
N SER C 205 8.14 -9.08 -39.02
CA SER C 205 8.93 -9.66 -40.14
C SER C 205 8.19 -10.56 -41.11
N GLU C 206 7.13 -11.18 -40.65
CA GLU C 206 6.37 -12.19 -41.40
C GLU C 206 4.97 -11.69 -41.71
N GLY C 207 4.80 -10.36 -41.66
CA GLY C 207 3.53 -9.76 -42.04
C GLY C 207 2.41 -9.94 -41.07
N ASN C 208 2.72 -10.30 -39.83
CA ASN C 208 1.67 -10.30 -38.80
C ASN C 208 1.46 -8.86 -38.29
N VAL C 209 0.24 -8.40 -38.44
CA VAL C 209 -0.20 -7.09 -37.97
C VAL C 209 -0.49 -7.14 -36.46
N LEU C 210 0.34 -6.43 -35.72
CA LEU C 210 0.10 -6.20 -34.29
C LEU C 210 -1.08 -5.27 -34.08
N SER C 211 -1.07 -4.12 -34.76
CA SER C 211 -2.12 -3.13 -34.58
C SER C 211 -2.10 -2.08 -35.68
N MSE C 212 -3.09 -1.20 -35.63
CA MSE C 212 -3.06 0.02 -36.42
C MSE C 212 -3.11 1.21 -35.43
O MSE C 212 -4.20 1.61 -34.99
CB MSE C 212 -4.25 0.02 -37.39
CG MSE C 212 -4.49 1.42 -38.00
SE MSE C 212 -5.87 1.44 -39.39
CE MSE C 212 -7.29 0.70 -38.48
N PRO C 213 -1.96 1.75 -35.05
CA PRO C 213 -1.97 2.96 -34.16
C PRO C 213 -2.69 4.19 -34.80
N PRO C 214 -3.54 4.95 -34.08
CA PRO C 214 -3.80 4.80 -32.65
C PRO C 214 -5.19 4.23 -32.42
N ILE C 215 -5.58 3.24 -33.24
CA ILE C 215 -6.99 2.84 -33.35
C ILE C 215 -7.30 1.57 -32.56
N ILE C 216 -6.61 0.48 -32.92
CA ILE C 216 -6.98 -0.81 -32.40
C ILE C 216 -5.90 -1.86 -32.62
N ASN C 217 -5.88 -2.85 -31.73
CA ASN C 217 -4.94 -3.94 -31.82
C ASN C 217 -5.59 -5.14 -32.53
N SER C 218 -4.75 -6.06 -32.98
CA SER C 218 -5.20 -7.31 -33.62
C SER C 218 -6.00 -8.17 -32.68
N GLU C 219 -6.99 -8.87 -33.22
CA GLU C 219 -7.68 -9.91 -32.46
C GLU C 219 -6.78 -11.13 -32.17
N PHE C 220 -5.89 -11.43 -33.11
CA PHE C 220 -5.17 -12.69 -33.13
C PHE C 220 -3.65 -12.58 -32.99
N THR C 221 -3.08 -11.39 -33.20
CA THR C 221 -1.61 -11.25 -33.10
C THR C 221 -1.17 -10.64 -31.75
N GLY C 222 -0.24 -11.34 -31.09
CA GLY C 222 0.37 -10.90 -29.84
C GLY C 222 -0.56 -10.50 -28.72
N ARG C 223 -1.69 -11.20 -28.57
CA ARG C 223 -2.64 -10.90 -27.49
C ARG C 223 -1.99 -11.13 -26.14
N VAL C 224 -2.32 -10.27 -25.17
CA VAL C 224 -1.78 -10.38 -23.80
C VAL C 224 -2.80 -11.06 -22.91
N THR C 225 -2.35 -12.06 -22.14
CA THR C 225 -3.22 -12.78 -21.17
C THR C 225 -2.49 -12.88 -19.86
N THR C 226 -3.14 -13.35 -18.78
CA THR C 226 -2.37 -13.67 -17.56
C THR C 226 -1.18 -14.67 -17.76
N ASP C 227 -1.17 -15.43 -18.87
CA ASP C 227 -0.02 -16.31 -19.16
C ASP C 227 1.17 -15.62 -19.81
N THR C 228 0.96 -14.39 -20.26
CA THR C 228 2.05 -13.62 -20.86
C THR C 228 3.19 -13.36 -19.87
N LYS C 229 4.41 -13.64 -20.32
CA LYS C 229 5.59 -13.40 -19.53
C LYS C 229 6.42 -12.25 -20.03
N ASN C 230 6.37 -12.02 -21.33
CA ASN C 230 7.26 -11.06 -21.95
C ASN C 230 6.45 -10.13 -22.84
N VAL C 231 6.58 -8.82 -22.60
CA VAL C 231 5.74 -7.83 -23.32
C VAL C 231 6.54 -6.92 -24.21
N PHE C 232 5.98 -6.60 -25.36
CA PHE C 232 6.54 -5.64 -26.28
C PHE C 232 5.59 -4.44 -26.17
N ILE C 233 6.16 -3.26 -25.99
CA ILE C 233 5.34 -2.05 -25.80
C ILE C 233 5.69 -1.06 -26.91
N ASP C 234 4.66 -0.48 -27.53
CA ASP C 234 4.85 0.58 -28.52
C ASP C 234 4.08 1.81 -28.01
N VAL C 235 4.71 2.97 -28.19
CA VAL C 235 4.06 4.25 -27.88
C VAL C 235 4.24 5.15 -29.07
N THR C 236 3.16 5.71 -29.59
CA THR C 236 3.25 6.58 -30.77
C THR C 236 2.61 7.94 -30.51
N GLY C 237 2.95 8.93 -31.34
CA GLY C 237 2.38 10.27 -31.17
C GLY C 237 3.17 11.31 -31.96
N TRP C 238 3.07 12.57 -31.53
CA TRP C 238 3.48 13.77 -32.33
C TRP C 238 4.75 14.43 -31.82
N LYS C 239 5.13 14.14 -30.58
CA LYS C 239 6.35 14.66 -29.98
C LYS C 239 7.13 13.52 -29.31
N LEU C 240 8.42 13.40 -29.66
CA LEU C 240 9.29 12.33 -29.16
C LEU C 240 9.40 12.37 -27.63
N GLU C 241 9.58 13.55 -27.07
CA GLU C 241 9.65 13.68 -25.62
C GLU C 241 8.41 13.16 -24.90
N LYS C 242 7.23 13.34 -25.47
CA LYS C 242 6.00 12.90 -24.80
C LYS C 242 5.88 11.37 -24.82
N VAL C 243 6.18 10.79 -25.98
CA VAL C 243 6.06 9.35 -26.13
C VAL C 243 7.12 8.65 -25.28
N MSE C 244 8.31 9.23 -25.19
CA MSE C 244 9.36 8.67 -24.32
C MSE C 244 8.96 8.70 -22.86
O MSE C 244 9.19 7.77 -22.12
CB MSE C 244 10.66 9.40 -24.51
CG MSE C 244 11.21 9.13 -25.90
CG MSE C 244 11.22 9.29 -25.92
SE MSE C 244 12.93 9.91 -26.09
SE MSE C 244 12.28 7.69 -26.06
CE MSE C 244 13.98 8.57 -25.20
CE MSE C 244 13.97 8.41 -25.43
N LEU C 245 8.36 9.80 -22.43
CA LEU C 245 7.88 9.87 -21.05
C LEU C 245 6.88 8.77 -20.72
N ALA C 246 5.86 8.64 -21.58
CA ALA C 246 4.85 7.60 -21.44
C ALA C 246 5.47 6.18 -21.42
N LEU C 247 6.43 5.94 -22.29
CA LEU C 247 7.12 4.64 -22.34
C LEU C 247 7.83 4.41 -21.00
N ASN C 248 8.52 5.44 -20.50
CA ASN C 248 9.27 5.32 -19.23
C ASN C 248 8.34 5.00 -18.07
N VAL C 249 7.15 5.60 -18.07
CA VAL C 249 6.14 5.30 -17.04
C VAL C 249 5.68 3.82 -17.12
N MSE C 250 5.34 3.35 -18.31
CA MSE C 250 4.90 1.97 -18.51
C MSE C 250 5.99 0.98 -18.07
O MSE C 250 5.70 0.07 -17.36
CB MSE C 250 4.61 1.67 -19.99
CG MSE C 250 3.38 2.42 -20.54
SE MSE C 250 1.71 1.90 -19.65
CE MSE C 250 1.78 -0.10 -19.79
N VAL C 251 7.23 1.17 -18.52
CA VAL C 251 8.28 0.18 -18.16
C VAL C 251 8.64 0.22 -16.66
N THR C 252 8.74 1.42 -16.08
CA THR C 252 9.03 1.48 -14.63
C THR C 252 7.93 0.92 -13.77
N ALA C 253 6.66 1.04 -14.20
CA ALA C 253 5.55 0.36 -13.52
C ALA C 253 5.75 -1.15 -13.57
N LEU C 254 6.18 -1.68 -14.72
CA LEU C 254 6.34 -3.14 -14.86
C LEU C 254 7.57 -3.70 -14.12
N ALA C 255 8.61 -2.88 -14.00
CA ALA C 255 9.75 -3.15 -13.12
C ALA C 255 9.35 -3.39 -11.63
N GLU C 256 8.33 -2.66 -11.14
CA GLU C 256 7.76 -2.90 -9.80
C GLU C 256 7.13 -4.29 -9.64
N ARG C 257 6.83 -4.93 -10.76
CA ARG C 257 6.27 -6.28 -10.78
C ARG C 257 7.37 -7.32 -11.03
N GLY C 258 8.62 -6.91 -10.92
CA GLY C 258 9.75 -7.80 -11.22
C GLY C 258 10.13 -7.87 -12.69
N GLY C 259 9.45 -7.08 -13.54
CA GLY C 259 9.81 -7.02 -14.95
C GLY C 259 11.23 -6.58 -15.20
N LYS C 260 11.87 -7.20 -16.19
CA LYS C 260 13.23 -6.83 -16.59
C LYS C 260 13.16 -6.04 -17.88
N ILE C 261 13.66 -4.80 -17.85
CA ILE C 261 13.47 -3.87 -18.98
C ILE C 261 14.62 -4.03 -20.02
N ARG C 262 14.23 -4.19 -21.28
CA ARG C 262 15.19 -4.39 -22.36
C ARG C 262 14.99 -3.28 -23.39
N SER C 263 16.08 -2.70 -23.85
CA SER C 263 15.98 -1.64 -24.86
C SER C 263 15.83 -2.18 -26.29
N VAL C 264 15.41 -1.30 -27.19
CA VAL C 264 15.08 -1.65 -28.57
C VAL C 264 15.81 -0.64 -29.45
N ARG C 265 16.38 -1.07 -30.59
CA ARG C 265 17.02 -0.12 -31.50
C ARG C 265 15.89 0.45 -32.38
N VAL C 266 15.73 1.77 -32.40
CA VAL C 266 14.60 2.37 -33.15
C VAL C 266 15.18 3.18 -34.30
N VAL C 267 14.95 2.71 -35.53
CA VAL C 267 15.59 3.29 -36.73
C VAL C 267 14.67 4.21 -37.54
N TYR C 268 14.99 5.49 -37.57
CA TYR C 268 14.28 6.45 -38.40
C TYR C 268 15.13 6.72 -39.63
N LYS C 269 14.54 7.37 -40.64
CA LYS C 269 15.32 7.81 -41.82
C LYS C 269 16.58 8.59 -41.46
N ASP C 270 16.47 9.55 -40.53
CA ASP C 270 17.56 10.50 -40.31
C ASP C 270 18.39 10.20 -39.07
N PHE C 271 17.88 9.31 -38.22
CA PHE C 271 18.53 9.07 -36.95
C PHE C 271 18.10 7.74 -36.37
N GLU C 272 18.75 7.37 -35.28
CA GLU C 272 18.30 6.22 -34.54
C GLU C 272 18.46 6.46 -33.06
N ILE C 273 17.59 5.83 -32.28
CA ILE C 273 17.56 6.05 -30.82
C ILE C 273 17.36 4.70 -30.17
N GLU C 274 17.97 4.52 -29.01
CA GLU C 274 17.74 3.34 -28.21
C GLU C 274 16.74 3.72 -27.11
N THR C 275 15.62 2.99 -27.04
CA THR C 275 14.55 3.22 -26.06
C THR C 275 14.21 1.94 -25.26
N PRO C 276 13.76 2.07 -24.00
CA PRO C 276 13.71 3.35 -23.27
C PRO C 276 15.06 3.87 -22.77
N ASP C 277 15.16 5.19 -22.64
CA ASP C 277 16.28 5.76 -21.95
C ASP C 277 15.86 6.15 -20.52
N LEU C 278 16.33 5.39 -19.53
CA LEU C 278 16.01 5.67 -18.12
C LEU C 278 17.16 6.33 -17.36
N THR C 279 18.07 6.97 -18.10
CA THR C 279 19.10 7.79 -17.51
C THR C 279 18.39 8.76 -16.58
N PRO C 280 18.82 8.86 -15.31
CA PRO C 280 18.22 9.85 -14.41
C PRO C 280 18.40 11.26 -14.99
N LYS C 281 17.40 12.09 -14.73
CA LYS C 281 17.47 13.47 -15.14
C LYS C 281 18.12 14.25 -14.05
N GLU C 282 18.62 15.44 -14.39
CA GLU C 282 19.43 16.22 -13.47
C GLU C 282 18.89 17.64 -13.28
N PHE C 283 19.11 18.18 -12.09
CA PHE C 283 18.72 19.54 -11.78
C PHE C 283 19.60 20.02 -10.62
N GLU C 284 19.86 21.32 -10.55
CA GLU C 284 20.60 21.89 -9.42
C GLU C 284 19.81 23.02 -8.80
N VAL C 285 19.91 23.16 -7.48
CA VAL C 285 19.21 24.24 -6.77
C VAL C 285 20.05 24.70 -5.59
N GLU C 286 19.99 26.00 -5.27
CA GLU C 286 20.63 26.54 -4.07
C GLU C 286 19.80 26.17 -2.84
N LEU C 287 20.42 25.63 -1.82
CA LEU C 287 19.64 25.28 -0.63
C LEU C 287 19.12 26.52 0.08
N ASP C 288 19.81 27.66 -0.11
CA ASP C 288 19.35 28.91 0.47
C ASP C 288 18.05 29.32 -0.20
N TYR C 289 17.92 29.09 -1.50
CA TYR C 289 16.64 29.29 -2.22
C TYR C 289 15.49 28.49 -1.55
N ILE C 290 15.74 27.23 -1.25
CA ILE C 290 14.76 26.40 -0.53
C ILE C 290 14.35 26.98 0.84
N ARG C 291 15.33 27.36 1.66
CA ARG C 291 15.05 27.98 2.95
C ARG C 291 14.25 29.27 2.84
N LYS C 292 14.64 30.15 1.92
CA LYS C 292 14.03 31.48 1.84
C LYS C 292 12.58 31.36 1.39
N LEU C 293 12.35 30.65 0.29
CA LEU C 293 10.99 30.53 -0.23
C LEU C 293 10.08 29.64 0.62
N SER C 294 10.62 28.65 1.30
CA SER C 294 9.78 27.80 2.16
C SER C 294 9.35 28.49 3.46
N GLY C 295 10.24 29.35 3.99
CA GLY C 295 10.06 29.96 5.30
C GLY C 295 10.42 28.96 6.38
N LEU C 296 11.08 27.87 5.98
CA LEU C 296 11.44 26.85 6.93
C LEU C 296 12.95 26.91 7.11
N GLU C 297 13.39 27.01 8.35
CA GLU C 297 14.81 26.92 8.59
C GLU C 297 15.19 25.44 8.71
N LEU C 298 15.37 24.83 7.55
CA LEU C 298 15.83 23.47 7.47
C LEU C 298 17.26 23.59 7.05
N ASN C 299 18.15 22.87 7.70
CA ASN C 299 19.52 22.89 7.26
C ASN C 299 19.77 21.92 6.10
N ASP C 300 20.99 21.93 5.57
CA ASP C 300 21.27 21.19 4.33
C ASP C 300 21.02 19.69 4.46
N GLY C 301 21.34 19.13 5.63
CA GLY C 301 21.17 17.69 5.88
C GLY C 301 19.67 17.39 5.92
N GLU C 302 18.89 18.31 6.48
CA GLU C 302 17.46 18.13 6.61
C GLU C 302 16.76 18.20 5.27
N ILE C 303 17.21 19.11 4.42
CA ILE C 303 16.63 19.25 3.08
C ILE C 303 16.97 18.01 2.26
N LYS C 304 18.22 17.56 2.34
CA LYS C 304 18.61 16.33 1.69
C LYS C 304 17.74 15.12 2.11
N GLU C 305 17.50 14.93 3.41
CA GLU C 305 16.64 13.78 3.85
C GLU C 305 15.26 13.85 3.18
N LEU C 306 14.71 15.06 3.10
CA LEU C 306 13.36 15.29 2.55
C LEU C 306 13.34 15.01 1.05
N LEU C 307 14.35 15.50 0.33
CA LEU C 307 14.45 15.22 -1.08
C LEU C 307 14.69 13.73 -1.39
N GLU C 308 15.42 13.01 -0.52
CA GLU C 308 15.59 11.56 -0.74
C GLU C 308 14.28 10.78 -0.58
N LYS C 309 13.39 11.27 0.28
CA LYS C 309 12.04 10.72 0.43
C LYS C 309 11.18 10.96 -0.79
N MSE C 310 11.58 11.92 -1.61
CA MSE C 310 10.86 12.28 -2.83
C MSE C 310 11.51 11.66 -4.06
O MSE C 310 11.23 12.06 -5.19
CB MSE C 310 10.73 13.81 -2.97
CG MSE C 310 9.96 14.46 -1.81
SE MSE C 310 8.10 13.67 -1.59
CE MSE C 310 7.30 14.46 -3.24
N MSE C 311 12.37 10.68 -3.82
CA MSE C 311 13.05 9.90 -4.88
C MSE C 311 14.16 10.64 -5.66
O MSE C 311 14.48 10.24 -6.78
CB MSE C 311 12.03 9.26 -5.84
CG MSE C 311 10.92 8.51 -5.13
SE MSE C 311 9.76 7.63 -6.44
CE MSE C 311 8.91 9.27 -7.20
N TYR C 312 14.78 11.65 -5.03
CA TYR C 312 15.97 12.30 -5.62
C TYR C 312 17.26 11.69 -5.07
N GLU C 313 18.27 11.55 -5.91
CA GLU C 313 19.64 11.51 -5.39
C GLU C 313 20.13 12.93 -5.13
N VAL C 314 20.77 13.15 -3.98
CA VAL C 314 21.21 14.48 -3.54
C VAL C 314 22.74 14.53 -3.24
N GLU C 315 23.48 15.37 -3.97
CA GLU C 315 24.90 15.69 -3.64
C GLU C 315 25.03 17.16 -3.32
N ILE C 316 25.44 17.48 -2.10
CA ILE C 316 25.54 18.88 -1.70
C ILE C 316 26.99 19.37 -1.65
N SER C 317 27.22 20.56 -2.19
CA SER C 317 28.50 21.21 -2.00
C SER C 317 28.24 22.70 -2.00
N ARG C 318 28.89 23.41 -1.07
CA ARG C 318 28.67 24.83 -0.86
C ARG C 318 27.17 25.19 -0.70
N GLY C 319 26.40 24.30 -0.07
CA GLY C 319 24.95 24.50 0.03
C GLY C 319 24.21 24.52 -1.30
N ARG C 320 24.82 23.98 -2.34
CA ARG C 320 24.13 23.81 -3.62
C ARG C 320 23.84 22.31 -3.79
N ALA C 321 22.60 21.95 -4.13
CA ALA C 321 22.29 20.53 -4.30
C ALA C 321 22.27 20.17 -5.76
N LYS C 322 23.11 19.21 -6.13
CA LYS C 322 23.05 18.56 -7.42
C LYS C 322 22.17 17.34 -7.31
N LEU C 323 21.08 17.37 -8.06
CA LEU C 323 20.02 16.39 -7.93
C LEU C 323 19.95 15.52 -9.17
N LYS C 324 19.68 14.25 -8.93
CA LYS C 324 19.20 13.36 -9.95
C LYS C 324 17.78 12.93 -9.60
N TYR C 325 16.92 12.76 -10.60
CA TYR C 325 15.55 12.26 -10.36
C TYR C 325 15.13 11.26 -11.45
N PRO C 326 14.13 10.41 -11.19
CA PRO C 326 13.78 9.37 -12.15
C PRO C 326 13.30 9.90 -13.51
N ALA C 327 13.67 9.17 -14.58
CA ALA C 327 13.28 9.53 -15.95
C ALA C 327 11.79 9.30 -16.25
N PHE C 328 11.05 8.69 -15.32
CA PHE C 328 9.56 8.65 -15.41
C PHE C 328 8.85 9.99 -15.05
N ARG C 329 9.63 10.98 -14.62
CA ARG C 329 9.09 12.33 -14.41
C ARG C 329 9.56 13.27 -15.52
N ASP C 330 8.68 14.16 -15.95
CA ASP C 330 9.12 15.28 -16.80
C ASP C 330 8.43 16.58 -16.37
N ASP C 331 7.97 16.62 -15.13
CA ASP C 331 7.28 17.80 -14.62
C ASP C 331 8.23 18.87 -14.05
N ILE C 332 9.50 18.54 -13.80
CA ILE C 332 10.41 19.50 -13.15
C ILE C 332 10.98 20.40 -14.23
N MSE C 333 10.77 21.71 -14.02
CA MSE C 333 11.20 22.76 -14.95
C MSE C 333 11.94 23.94 -14.29
O MSE C 333 12.85 24.50 -14.89
CB MSE C 333 9.98 23.29 -15.72
CG MSE C 333 9.47 22.30 -16.77
CG MSE C 333 9.15 22.26 -16.47
SE MSE C 333 10.89 21.69 -18.00
SE MSE C 333 7.78 23.22 -17.45
CE MSE C 333 11.06 23.36 -19.11
CE MSE C 333 8.95 24.38 -18.48
N HIS C 334 11.51 24.33 -13.08
CA HIS C 334 12.05 25.49 -12.37
C HIS C 334 12.42 25.11 -10.93
N ALA C 335 13.25 25.92 -10.29
CA ALA C 335 13.59 25.75 -8.88
C ALA C 335 12.35 25.63 -7.97
N ARG C 336 11.28 26.36 -8.28
CA ARG C 336 10.09 26.22 -7.45
C ARG C 336 9.48 24.80 -7.46
N ASP C 337 9.76 24.00 -8.49
CA ASP C 337 9.28 22.60 -8.50
C ASP C 337 10.03 21.75 -7.49
N ILE C 338 11.32 22.04 -7.30
CA ILE C 338 12.08 21.40 -6.19
C ILE C 338 11.52 21.79 -4.84
N LEU C 339 11.34 23.11 -4.64
CA LEU C 339 10.68 23.64 -3.47
C LEU C 339 9.33 22.97 -3.15
N GLU C 340 8.46 22.80 -4.16
CA GLU C 340 7.21 22.10 -3.92
C GLU C 340 7.43 20.69 -3.29
N ASP C 341 8.36 19.95 -3.87
CA ASP C 341 8.64 18.61 -3.36
C ASP C 341 9.15 18.63 -1.91
N VAL C 342 9.94 19.64 -1.57
CA VAL C 342 10.37 19.83 -0.17
C VAL C 342 9.19 20.10 0.77
N LEU C 343 8.29 21.00 0.39
CA LEU C 343 7.09 21.28 1.17
C LEU C 343 6.24 20.03 1.29
N ILE C 344 6.10 19.28 0.21
CA ILE C 344 5.31 18.06 0.28
C ILE C 344 5.93 17.06 1.28
N ALA C 345 7.23 16.78 1.13
CA ALA C 345 7.90 15.80 2.00
C ALA C 345 7.88 16.25 3.46
N TYR C 346 7.99 17.55 3.69
CA TYR C 346 7.89 18.09 5.04
C TYR C 346 6.61 17.60 5.79
N GLY C 347 5.54 17.23 5.05
CA GLY C 347 4.31 16.59 5.62
C GLY C 347 4.29 15.08 5.83
N TYR C 348 5.36 14.37 5.50
CA TYR C 348 5.45 12.95 5.77
C TYR C 348 5.71 12.67 7.25
#